data_5TGD
#
_entry.id   5TGD
#
_cell.length_a   76.350
_cell.length_b   76.520
_cell.length_c   98.260
_cell.angle_alpha   90.000
_cell.angle_beta   109.470
_cell.angle_gamma   90.000
#
_symmetry.space_group_name_H-M   'P 1 21 1'
#
loop_
_entity.id
_entity.type
_entity.pdbx_description
1 polymer 'FolM Alternative dihydrofolate reductase'
2 non-polymer 'NADP NICOTINAMIDE-ADENINE-DINUCLEOTIDE PHOSPHATE'
3 non-polymer 1,2-ETHANEDIOL
4 non-polymer GLYCEROL
5 water water
#
_entity_poly.entity_id   1
_entity_poly.type   'polypeptide(L)'
_entity_poly.pdbx_seq_one_letter_code
;MAHHHHHHMLNDPEARMVANCPVLVTGGARRIGKAIVEDLASHGFPVAIHCNRSLDEGEAIANRINDSGGNACVVQADLE
GDVRGLVKQASDRIGPIRLLVNNASLFQEDKVGALDMALWDRHFAVHLKTPVILAEDMRKALPEDQDGLVVNIIDQRVWK
LNPQFFSYTLSKSALWNATRTLAQALAPRIRVNAIAPGPTLPSERQRPEDFERQVSKLPLQRAPELPEFGRTVRYFWENR
SITGQMIALDGGQHLAWETPDIAGITE
;
_entity_poly.pdbx_strand_id   A,B,C,D
#
# COMPACT_ATOMS: atom_id res chain seq x y z
N GLU A 14 19.59 28.53 -3.00
CA GLU A 14 20.64 29.52 -2.74
C GLU A 14 20.26 30.46 -1.59
N ALA A 15 19.10 30.23 -0.96
CA ALA A 15 18.66 31.02 0.20
C ALA A 15 17.60 30.29 1.02
N ARG A 16 17.91 29.09 1.50
CA ARG A 16 16.99 28.29 2.30
C ARG A 16 17.26 28.41 3.79
N MET A 17 17.97 29.45 4.22
CA MET A 17 18.16 29.67 5.64
C MET A 17 16.81 29.93 6.32
N VAL A 18 16.74 29.60 7.61
CA VAL A 18 15.45 29.58 8.29
C VAL A 18 14.83 30.97 8.35
N ALA A 19 15.64 32.02 8.49
CA ALA A 19 15.11 33.38 8.51
C ALA A 19 14.34 33.72 7.26
N ASN A 20 14.62 33.03 6.15
CA ASN A 20 13.94 33.26 4.89
C ASN A 20 12.91 32.18 4.57
N CYS A 21 12.34 31.53 5.59
CA CYS A 21 11.36 30.46 5.40
CA CYS A 21 11.36 30.47 5.41
C CYS A 21 10.17 30.70 6.33
N PRO A 22 9.29 31.65 5.98
CA PRO A 22 8.11 31.88 6.82
C PRO A 22 7.20 30.66 6.88
N VAL A 23 6.75 30.35 8.09
CA VAL A 23 5.93 29.17 8.37
C VAL A 23 4.52 29.60 8.74
N LEU A 24 3.52 28.88 8.24
CA LEU A 24 2.14 29.04 8.68
C LEU A 24 1.69 27.73 9.29
N VAL A 25 1.33 27.74 10.56
CA VAL A 25 0.81 26.56 11.24
C VAL A 25 -0.66 26.79 11.54
N THR A 26 -1.54 25.97 10.95
CA THR A 26 -2.96 26.07 11.25
C THR A 26 -3.26 25.36 12.57
N GLY A 27 -4.19 25.94 13.33
CA GLY A 27 -4.47 25.45 14.67
C GLY A 27 -3.21 25.40 15.51
N GLY A 28 -2.41 26.46 15.46
CA GLY A 28 -1.10 26.46 16.07
C GLY A 28 -1.04 26.95 17.50
N ALA A 29 -2.16 27.22 18.15
CA ALA A 29 -2.12 27.85 19.46
C ALA A 29 -2.16 26.87 20.63
N ARG A 30 -2.39 25.58 20.41
CA ARG A 30 -2.43 24.63 21.51
C ARG A 30 -1.80 23.31 21.10
N ARG A 31 -1.48 22.49 22.10
CA ARG A 31 -1.20 21.05 21.95
C ARG A 31 -0.13 20.83 20.89
N ILE A 32 -0.34 19.95 19.90
CA ILE A 32 0.71 19.61 18.94
C ILE A 32 1.05 20.81 18.07
N GLY A 33 0.03 21.56 17.63
CA GLY A 33 0.28 22.75 16.84
C GLY A 33 1.21 23.71 17.56
N LYS A 34 0.96 23.95 18.86
CA LYS A 34 1.83 24.81 19.65
CA LYS A 34 1.83 24.80 19.66
C LYS A 34 3.24 24.25 19.73
N ALA A 35 3.38 22.94 19.93
CA ALA A 35 4.69 22.32 19.98
C ALA A 35 5.46 22.53 18.69
N ILE A 36 4.77 22.43 17.54
CA ILE A 36 5.42 22.68 16.27
C ILE A 36 5.83 24.15 16.16
N VAL A 37 4.91 25.06 16.48
CA VAL A 37 5.18 26.50 16.37
C VAL A 37 6.42 26.88 17.16
N GLU A 38 6.47 26.47 18.43
CA GLU A 38 7.56 26.89 19.31
C GLU A 38 8.87 26.22 18.94
N ASP A 39 8.82 25.00 18.41
CA ASP A 39 10.05 24.38 17.91
C ASP A 39 10.61 25.17 16.74
N LEU A 40 9.78 25.42 15.73
CA LEU A 40 10.24 26.15 14.54
C LEU A 40 10.70 27.54 14.90
N ALA A 41 9.94 28.25 15.74
CA ALA A 41 10.33 29.60 16.13
C ALA A 41 11.64 29.58 16.90
N SER A 42 11.85 28.58 17.74
CA SER A 42 13.10 28.62 18.48
C SER A 42 14.29 28.27 17.60
N HIS A 43 14.06 27.71 16.41
CA HIS A 43 15.14 27.42 15.48
C HIS A 43 15.31 28.51 14.44
N GLY A 44 14.59 29.62 14.56
CA GLY A 44 14.85 30.75 13.71
C GLY A 44 13.88 30.95 12.55
N PHE A 45 12.88 30.08 12.41
CA PHE A 45 11.82 30.32 11.42
C PHE A 45 10.90 31.45 11.87
N PRO A 46 10.56 32.40 10.99
CA PRO A 46 9.38 33.23 11.24
C PRO A 46 8.13 32.37 11.21
N VAL A 47 7.23 32.57 12.19
CA VAL A 47 6.07 31.70 12.33
CA VAL A 47 6.07 31.70 12.32
C VAL A 47 4.80 32.53 12.42
N ALA A 48 3.80 32.16 11.62
CA ALA A 48 2.46 32.71 11.72
C ALA A 48 1.59 31.66 12.41
N ILE A 49 1.10 32.00 13.61
CA ILE A 49 0.29 31.10 14.41
C ILE A 49 -1.16 31.30 14.03
N HIS A 50 -1.73 30.38 13.28
CA HIS A 50 -3.13 30.47 12.98
C HIS A 50 -3.96 29.89 14.13
N CYS A 51 -5.08 30.53 14.41
CA CYS A 51 -6.02 30.04 15.41
C CYS A 51 -7.41 30.60 15.09
N ASN A 52 -8.40 30.12 15.83
CA ASN A 52 -9.77 30.62 15.72
C ASN A 52 -10.31 30.88 17.12
N ARG A 53 -10.61 29.81 17.87
CA ARG A 53 -11.09 30.00 19.24
C ARG A 53 -9.95 30.41 20.17
N SER A 54 -8.74 29.89 19.96
CA SER A 54 -7.65 30.02 20.93
C SER A 54 -6.79 31.28 20.70
N LEU A 55 -7.44 32.42 20.48
CA LEU A 55 -6.71 33.64 20.16
C LEU A 55 -5.85 34.09 21.33
N ASP A 56 -6.40 34.09 22.55
CA ASP A 56 -5.60 34.41 23.72
C ASP A 56 -4.33 33.58 23.78
N GLU A 57 -4.48 32.26 23.67
CA GLU A 57 -3.32 31.37 23.71
C GLU A 57 -2.33 31.71 22.60
N GLY A 58 -2.84 32.01 21.41
CA GLY A 58 -1.94 32.30 20.29
C GLY A 58 -1.14 33.57 20.52
N GLU A 59 -1.80 34.61 21.01
CA GLU A 59 -1.09 35.85 21.28
C GLU A 59 -0.05 35.69 22.38
N ALA A 60 -0.36 34.89 23.40
CA ALA A 60 0.61 34.67 24.46
C ALA A 60 1.84 33.94 23.92
N ILE A 61 1.63 32.96 23.05
CA ILE A 61 2.76 32.23 22.46
C ILE A 61 3.61 33.17 21.61
N ALA A 62 2.95 33.99 20.79
CA ALA A 62 3.67 34.90 19.91
C ALA A 62 4.47 35.92 20.72
N ASN A 63 3.85 36.47 21.77
CA ASN A 63 4.55 37.46 22.60
C ASN A 63 5.78 36.87 23.25
N ARG A 64 5.67 35.62 23.74
CA ARG A 64 6.82 34.96 24.34
C ARG A 64 7.93 34.78 23.31
N ILE A 65 7.57 34.35 22.10
CA ILE A 65 8.58 34.18 21.05
C ILE A 65 9.25 35.51 20.74
N ASN A 66 8.46 36.56 20.56
CA ASN A 66 9.03 37.84 20.15
C ASN A 66 9.90 38.43 21.25
N ASP A 67 9.48 38.25 22.50
CA ASP A 67 10.29 38.74 23.63
CA ASP A 67 10.29 38.74 23.62
C ASP A 67 11.62 37.99 23.73
N SER A 68 11.66 36.74 23.28
CA SER A 68 12.88 35.94 23.27
CA SER A 68 12.89 35.96 23.29
C SER A 68 13.74 36.21 22.05
N GLY A 69 13.33 37.13 21.18
CA GLY A 69 14.11 37.46 20.00
C GLY A 69 13.73 36.70 18.75
N GLY A 70 12.67 35.89 18.78
CA GLY A 70 12.16 35.24 17.60
C GLY A 70 11.25 36.16 16.81
N ASN A 71 10.49 35.55 15.90
CA ASN A 71 9.65 36.33 14.98
C ASN A 71 8.33 35.58 14.77
N ALA A 72 7.26 36.04 15.41
CA ALA A 72 5.98 35.34 15.38
C ALA A 72 4.84 36.33 15.31
N CYS A 73 3.75 35.91 14.66
CA CYS A 73 2.51 36.68 14.62
C CYS A 73 1.34 35.73 14.80
N VAL A 74 0.16 36.29 15.06
CA VAL A 74 -1.06 35.51 15.15
C VAL A 74 -1.98 35.91 13.99
N VAL A 75 -2.58 34.92 13.34
CA VAL A 75 -3.57 35.18 12.32
C VAL A 75 -4.80 34.34 12.65
N GLN A 76 -5.96 34.89 12.35
CA GLN A 76 -7.23 34.34 12.80
C GLN A 76 -8.09 34.03 11.58
N ALA A 77 -8.66 32.84 11.54
CA ALA A 77 -9.59 32.53 10.47
C ALA A 77 -10.36 31.27 10.82
N ASP A 78 -11.61 31.22 10.35
CA ASP A 78 -12.41 30.02 10.44
C ASP A 78 -12.07 29.13 9.25
N LEU A 79 -11.46 27.97 9.52
CA LEU A 79 -11.10 27.10 8.41
C LEU A 79 -12.30 26.40 7.76
N GLU A 80 -13.52 26.59 8.24
CA GLU A 80 -14.69 26.10 7.54
C GLU A 80 -15.43 27.20 6.81
N GLY A 81 -14.93 28.43 6.86
CA GLY A 81 -15.51 29.53 6.14
C GLY A 81 -14.57 29.98 5.04
N ASP A 82 -14.38 31.29 4.90
CA ASP A 82 -13.49 31.81 3.87
C ASP A 82 -12.05 31.77 4.37
N VAL A 83 -11.24 30.90 3.77
CA VAL A 83 -9.81 30.85 4.05
C VAL A 83 -9.00 31.52 2.96
N ARG A 84 -9.65 32.28 2.08
CA ARG A 84 -8.98 32.81 0.90
C ARG A 84 -8.11 34.02 1.20
N GLY A 85 -8.23 34.61 2.38
CA GLY A 85 -7.30 35.63 2.80
C GLY A 85 -6.27 35.18 3.80
N LEU A 86 -6.29 33.91 4.20
CA LEU A 86 -5.47 33.47 5.34
C LEU A 86 -3.98 33.52 5.01
N VAL A 87 -3.57 32.94 3.88
CA VAL A 87 -2.14 32.97 3.56
C VAL A 87 -1.66 34.41 3.44
N LYS A 88 -2.51 35.30 2.94
CA LYS A 88 -2.10 36.69 2.77
C LYS A 88 -2.02 37.42 4.11
N GLN A 89 -2.97 37.17 5.03
CA GLN A 89 -2.84 37.74 6.37
C GLN A 89 -1.50 37.36 6.98
N ALA A 90 -1.07 36.13 6.75
CA ALA A 90 0.20 35.66 7.30
C ALA A 90 1.37 36.32 6.58
N SER A 91 1.37 36.27 5.26
CA SER A 91 2.48 36.82 4.50
C SER A 91 2.58 38.34 4.65
N ASP A 92 1.46 39.01 4.91
CA ASP A 92 1.51 40.44 5.22
C ASP A 92 2.38 40.73 6.43
N ARG A 93 2.47 39.78 7.36
CA ARG A 93 3.18 39.99 8.62
C ARG A 93 4.61 39.45 8.62
N ILE A 94 4.86 38.27 8.04
CA ILE A 94 6.18 37.65 8.12
C ILE A 94 6.79 37.35 6.75
N GLY A 95 6.13 37.67 5.65
CA GLY A 95 6.67 37.38 4.34
C GLY A 95 6.06 36.14 3.72
N PRO A 96 6.32 35.92 2.43
CA PRO A 96 5.59 34.88 1.68
C PRO A 96 5.74 33.51 2.33
N ILE A 97 4.59 32.87 2.59
CA ILE A 97 4.61 31.60 3.31
C ILE A 97 5.33 30.55 2.48
N ARG A 98 6.32 29.92 3.10
CA ARG A 98 7.18 28.97 2.43
C ARG A 98 7.04 27.55 2.96
N LEU A 99 6.56 27.42 4.19
CA LEU A 99 6.38 26.13 4.85
C LEU A 99 5.00 26.20 5.49
N LEU A 100 4.09 25.36 5.01
CA LEU A 100 2.72 25.30 5.49
C LEU A 100 2.54 24.00 6.28
N VAL A 101 2.09 24.11 7.53
CA VAL A 101 1.78 22.95 8.33
C VAL A 101 0.27 22.90 8.51
N ASN A 102 -0.37 21.92 7.86
CA ASN A 102 -1.82 21.74 7.94
C ASN A 102 -2.10 20.88 9.17
N ASN A 103 -2.23 21.55 10.31
CA ASN A 103 -2.35 20.86 11.58
C ASN A 103 -3.78 20.87 12.12
N ALA A 104 -4.55 21.91 11.83
CA ALA A 104 -5.89 22.04 12.40
C ALA A 104 -6.76 20.81 12.10
N SER A 105 -7.67 20.54 13.01
CA SER A 105 -8.39 19.28 12.95
C SER A 105 -9.69 19.38 13.73
N LEU A 106 -10.61 18.51 13.38
CA LEU A 106 -11.80 18.20 14.14
C LEU A 106 -11.86 16.68 14.27
N PHE A 107 -12.19 16.19 15.46
CA PHE A 107 -12.09 14.76 15.77
C PHE A 107 -13.35 14.33 16.51
N GLN A 108 -14.47 14.19 15.77
CA GLN A 108 -15.77 13.82 16.32
C GLN A 108 -16.19 12.44 15.82
N GLU A 109 -16.82 11.67 16.70
CA GLU A 109 -17.17 10.30 16.35
C GLU A 109 -18.48 10.24 15.59
N ASP A 110 -18.54 9.35 14.61
CA ASP A 110 -19.79 8.92 14.02
C ASP A 110 -19.59 7.50 13.53
N LYS A 111 -20.69 6.88 13.10
CA LYS A 111 -20.73 5.47 12.73
C LYS A 111 -21.57 5.29 11.47
N VAL A 112 -21.21 4.30 10.66
CA VAL A 112 -22.13 3.83 9.65
C VAL A 112 -23.42 3.41 10.35
N GLY A 113 -24.55 3.78 9.77
CA GLY A 113 -25.84 3.53 10.36
C GLY A 113 -26.40 4.71 11.14
N ALA A 114 -25.57 5.68 11.48
CA ALA A 114 -25.99 6.88 12.20
C ALA A 114 -25.23 8.07 11.67
N LEU A 115 -25.02 8.12 10.36
CA LEU A 115 -24.19 9.16 9.77
C LEU A 115 -24.97 10.45 9.64
N ASP A 116 -24.41 11.53 10.21
CA ASP A 116 -24.92 12.87 10.01
C ASP A 116 -24.00 13.58 9.02
N MET A 117 -24.53 13.95 7.86
CA MET A 117 -23.67 14.46 6.80
C MET A 117 -23.16 15.87 7.09
N ALA A 118 -23.83 16.61 7.97
CA ALA A 118 -23.28 17.89 8.40
C ALA A 118 -21.92 17.71 9.06
N LEU A 119 -21.81 16.74 9.97
CA LEU A 119 -20.51 16.49 10.61
C LEU A 119 -19.51 15.94 9.61
N TRP A 120 -19.96 15.03 8.74
CA TRP A 120 -19.15 14.56 7.63
C TRP A 120 -18.51 15.73 6.88
N ASP A 121 -19.35 16.68 6.44
CA ASP A 121 -18.85 17.83 5.68
C ASP A 121 -17.79 18.61 6.45
N ARG A 122 -17.94 18.74 7.77
CA ARG A 122 -16.97 19.48 8.56
CA ARG A 122 -16.97 19.48 8.55
C ARG A 122 -15.62 18.78 8.58
N HIS A 123 -15.63 17.45 8.74
CA HIS A 123 -14.37 16.72 8.71
C HIS A 123 -13.65 16.92 7.38
N PHE A 124 -14.39 16.82 6.27
CA PHE A 124 -13.75 17.00 4.97
C PHE A 124 -13.33 18.44 4.73
N ALA A 125 -14.06 19.40 5.29
CA ALA A 125 -13.67 20.80 5.14
C ALA A 125 -12.31 21.06 5.80
N VAL A 126 -12.16 20.62 7.06
CA VAL A 126 -10.97 20.96 7.84
C VAL A 126 -9.77 20.11 7.43
N HIS A 127 -10.00 18.85 7.09
CA HIS A 127 -8.88 17.94 6.85
C HIS A 127 -8.50 17.81 5.38
N LEU A 128 -9.39 18.21 4.46
CA LEU A 128 -9.07 18.01 3.06
C LEU A 128 -9.19 19.30 2.26
N LYS A 129 -10.38 19.92 2.28
CA LYS A 129 -10.62 21.10 1.46
C LYS A 129 -9.64 22.22 1.82
N THR A 130 -9.62 22.61 3.07
CA THR A 130 -8.77 23.73 3.46
C THR A 130 -7.28 23.43 3.26
N PRO A 131 -6.73 22.28 3.69
CA PRO A 131 -5.32 22.00 3.39
C PRO A 131 -4.98 22.12 1.93
N VAL A 132 -5.84 21.64 1.04
CA VAL A 132 -5.58 21.74 -0.40
C VAL A 132 -5.64 23.20 -0.84
N ILE A 133 -6.65 23.93 -0.38
CA ILE A 133 -6.79 25.33 -0.78
C ILE A 133 -5.59 26.14 -0.29
N LEU A 134 -5.17 25.93 0.96
CA LEU A 134 -4.04 26.67 1.48
C LEU A 134 -2.75 26.31 0.74
N ALA A 135 -2.59 25.04 0.38
CA ALA A 135 -1.44 24.66 -0.43
C ALA A 135 -1.45 25.39 -1.77
N GLU A 136 -2.60 25.42 -2.43
CA GLU A 136 -2.74 26.17 -3.66
C GLU A 136 -2.35 27.63 -3.45
N ASP A 137 -2.90 28.25 -2.40
CA ASP A 137 -2.66 29.68 -2.18
C ASP A 137 -1.20 29.94 -1.86
N MET A 138 -0.58 29.07 -1.07
CA MET A 138 0.85 29.20 -0.80
C MET A 138 1.65 29.14 -2.09
N ARG A 139 1.36 28.14 -2.93
CA ARG A 139 2.09 28.01 -4.19
C ARG A 139 1.92 29.25 -5.05
N LYS A 140 0.70 29.78 -5.16
CA LYS A 140 0.48 30.94 -5.99
C LYS A 140 1.27 32.15 -5.51
N ALA A 141 1.43 32.32 -4.19
CA ALA A 141 2.05 33.51 -3.64
C ALA A 141 3.53 33.33 -3.36
N LEU A 142 4.06 32.13 -3.44
CA LEU A 142 5.47 31.93 -3.15
C LEU A 142 6.30 32.31 -4.37
N PRO A 143 7.25 33.25 -4.24
CA PRO A 143 8.08 33.65 -5.39
C PRO A 143 8.72 32.44 -6.06
N GLU A 144 8.86 32.52 -7.38
CA GLU A 144 9.26 31.37 -8.16
C GLU A 144 10.70 30.93 -7.91
N ASP A 145 11.56 31.83 -7.42
CA ASP A 145 12.91 31.43 -7.05
C ASP A 145 13.00 30.81 -5.64
N GLN A 146 11.86 30.53 -4.99
CA GLN A 146 11.83 29.89 -3.67
C GLN A 146 11.12 28.54 -3.76
N ASP A 147 11.75 27.51 -3.22
CA ASP A 147 11.07 26.23 -3.07
C ASP A 147 10.23 26.26 -1.79
N GLY A 148 9.22 25.39 -1.73
CA GLY A 148 8.33 25.36 -0.60
C GLY A 148 8.11 23.94 -0.09
N LEU A 149 7.43 23.85 1.04
CA LEU A 149 7.11 22.57 1.68
C LEU A 149 5.76 22.67 2.35
N VAL A 150 4.93 21.67 2.12
CA VAL A 150 3.68 21.47 2.86
C VAL A 150 3.87 20.23 3.72
N VAL A 151 3.54 20.33 5.01
CA VAL A 151 3.48 19.16 5.88
C VAL A 151 2.04 19.02 6.39
N ASN A 152 1.39 17.93 6.00
CA ASN A 152 0.03 17.65 6.43
C ASN A 152 0.07 16.83 7.71
N ILE A 153 -0.68 17.24 8.72
CA ILE A 153 -0.80 16.43 9.92
C ILE A 153 -2.03 15.54 9.77
N ILE A 154 -1.81 14.23 9.76
CA ILE A 154 -2.89 13.31 9.44
C ILE A 154 -3.23 12.53 10.70
N ASP A 155 -3.00 11.22 10.67
CA ASP A 155 -3.40 10.32 11.77
C ASP A 155 -2.88 8.95 11.38
N GLN A 156 -2.27 8.23 12.33
CA GLN A 156 -1.73 6.90 12.04
C GLN A 156 -2.77 5.95 11.48
N ARG A 157 -4.06 6.17 11.76
CA ARG A 157 -5.08 5.21 11.40
C ARG A 157 -5.27 5.08 9.90
N VAL A 158 -4.77 6.04 9.12
CA VAL A 158 -4.86 5.88 7.68
C VAL A 158 -3.99 4.74 7.20
N TRP A 159 -3.04 4.28 8.03
CA TRP A 159 -2.21 3.13 7.73
C TRP A 159 -2.72 1.85 8.38
N LYS A 160 -3.85 1.92 9.08
CA LYS A 160 -4.42 0.74 9.75
C LYS A 160 -5.92 0.99 9.86
N LEU A 161 -6.61 0.81 8.74
CA LEU A 161 -8.00 1.20 8.63
C LEU A 161 -8.87 0.35 9.54
N ASN A 162 -9.84 0.99 10.18
CA ASN A 162 -10.86 0.29 10.95
C ASN A 162 -12.14 1.09 10.81
N PRO A 163 -13.28 0.54 11.23
CA PRO A 163 -14.56 1.19 10.95
C PRO A 163 -14.99 2.26 11.95
N GLN A 164 -14.21 2.51 12.99
CA GLN A 164 -14.62 3.53 13.95
C GLN A 164 -14.33 4.92 13.39
N PHE A 165 -15.05 5.91 13.91
CA PHE A 165 -14.87 7.31 13.51
C PHE A 165 -14.95 7.45 11.99
N PHE A 166 -16.13 7.11 11.46
CA PHE A 166 -16.24 6.79 10.04
C PHE A 166 -15.88 7.98 9.16
N SER A 167 -16.57 9.11 9.32
CA SER A 167 -16.29 10.23 8.43
C SER A 167 -14.95 10.88 8.75
N TYR A 168 -14.56 10.90 10.03
CA TYR A 168 -13.24 11.41 10.39
C TYR A 168 -12.15 10.61 9.67
N THR A 169 -12.25 9.29 9.72
CA THR A 169 -11.23 8.45 9.10
C THR A 169 -11.16 8.68 7.60
N LEU A 170 -12.33 8.74 6.94
CA LEU A 170 -12.34 8.97 5.50
C LEU A 170 -11.70 10.31 5.14
N SER A 171 -11.94 11.34 5.94
CA SER A 171 -11.37 12.66 5.64
C SER A 171 -9.85 12.67 5.86
N LYS A 172 -9.36 12.00 6.90
CA LYS A 172 -7.91 11.91 7.10
C LYS A 172 -7.27 11.02 6.05
N SER A 173 -7.94 9.91 5.68
CA SER A 173 -7.41 9.11 4.58
C SER A 173 -7.31 9.92 3.30
N ALA A 174 -8.30 10.79 3.04
CA ALA A 174 -8.24 11.63 1.84
C ALA A 174 -7.06 12.59 1.88
N LEU A 175 -6.79 13.18 3.04
CA LEU A 175 -5.61 14.01 3.20
C LEU A 175 -4.33 13.23 2.90
N TRP A 176 -4.29 11.94 3.27
CA TRP A 176 -3.11 11.15 2.93
C TRP A 176 -3.05 10.87 1.43
N ASN A 177 -4.21 10.58 0.81
CA ASN A 177 -4.23 10.45 -0.64
C ASN A 177 -3.80 11.75 -1.32
N ALA A 178 -4.32 12.88 -0.83
CA ALA A 178 -3.95 14.17 -1.39
C ALA A 178 -2.47 14.48 -1.17
N THR A 179 -1.85 13.95 -0.12
CA THR A 179 -0.42 14.17 0.05
C THR A 179 0.35 13.64 -1.14
N ARG A 180 -0.02 12.46 -1.65
CA ARG A 180 0.64 11.93 -2.84
C ARG A 180 0.33 12.78 -4.08
N THR A 181 -0.96 13.03 -4.34
CA THR A 181 -1.31 13.69 -5.60
C THR A 181 -0.94 15.18 -5.56
N LEU A 182 -1.03 15.84 -4.40
CA LEU A 182 -0.46 17.19 -4.29
C LEU A 182 1.03 17.18 -4.53
N ALA A 183 1.75 16.20 -3.97
CA ALA A 183 3.18 16.13 -4.20
C ALA A 183 3.49 16.02 -5.69
N GLN A 184 2.76 15.16 -6.40
CA GLN A 184 2.97 15.02 -7.84
C GLN A 184 2.60 16.31 -8.57
N ALA A 185 1.53 16.97 -8.15
CA ALA A 185 1.05 18.15 -8.85
C ALA A 185 1.98 19.34 -8.64
N LEU A 186 2.55 19.48 -7.44
CA LEU A 186 3.31 20.68 -7.10
C LEU A 186 4.80 20.53 -7.32
N ALA A 187 5.27 19.31 -7.56
CA ALA A 187 6.65 19.10 -7.94
C ALA A 187 6.96 19.88 -9.22
N PRO A 188 8.20 20.36 -9.39
CA PRO A 188 9.33 20.17 -8.48
C PRO A 188 9.47 21.25 -7.40
N ARG A 189 8.74 22.36 -7.50
CA ARG A 189 9.10 23.50 -6.66
C ARG A 189 8.61 23.35 -5.22
N ILE A 190 7.52 22.66 -5.00
CA ILE A 190 6.96 22.52 -3.66
C ILE A 190 6.81 21.04 -3.33
N ARG A 191 7.32 20.64 -2.19
CA ARG A 191 7.23 19.27 -1.73
C ARG A 191 6.10 19.14 -0.72
N VAL A 192 5.46 17.98 -0.69
CA VAL A 192 4.31 17.75 0.17
C VAL A 192 4.52 16.44 0.94
N ASN A 193 4.61 16.55 2.26
CA ASN A 193 4.87 15.40 3.12
C ASN A 193 3.87 15.42 4.26
N ALA A 194 3.96 14.44 5.15
CA ALA A 194 2.95 14.32 6.18
C ALA A 194 3.53 13.71 7.45
N ILE A 195 2.83 13.97 8.55
CA ILE A 195 3.06 13.34 9.85
C ILE A 195 1.77 12.66 10.28
N ALA A 196 1.86 11.40 10.68
CA ALA A 196 0.69 10.67 11.18
C ALA A 196 0.86 10.43 12.67
N PRO A 197 0.28 11.27 13.53
CA PRO A 197 0.44 11.05 14.97
C PRO A 197 -0.32 9.84 15.44
N GLY A 198 0.25 9.15 16.41
CA GLY A 198 -0.49 8.21 17.23
C GLY A 198 -0.89 8.88 18.53
N PRO A 199 -1.14 8.09 19.57
CA PRO A 199 -1.58 8.69 20.85
C PRO A 199 -0.53 9.61 21.44
N THR A 200 -0.77 10.91 21.32
CA THR A 200 0.19 11.93 21.74
C THR A 200 -0.29 12.70 22.96
N LEU A 201 -1.53 13.16 22.94
CA LEU A 201 -2.13 13.84 24.07
C LEU A 201 -3.55 13.31 24.15
N PRO A 202 -4.02 12.91 25.33
CA PRO A 202 -5.36 12.32 25.44
C PRO A 202 -6.39 13.20 24.75
N SER A 203 -7.32 12.55 24.04
CA SER A 203 -8.43 13.25 23.43
C SER A 203 -9.43 13.69 24.49
N GLU A 204 -10.45 14.45 24.07
CA GLU A 204 -11.45 14.91 25.02
C GLU A 204 -12.25 13.75 25.62
N ARG A 205 -12.30 12.60 24.95
CA ARG A 205 -13.05 11.45 25.41
C ARG A 205 -12.22 10.49 26.26
N GLN A 206 -10.94 10.79 26.49
CA GLN A 206 -10.00 9.89 27.15
C GLN A 206 -9.63 10.41 28.53
N ARG A 207 -10.01 9.67 29.57
CA ARG A 207 -9.46 9.88 30.89
CA ARG A 207 -9.45 9.91 30.88
C ARG A 207 -7.95 9.61 30.86
N PRO A 208 -7.19 10.10 31.85
CA PRO A 208 -5.76 9.78 31.87
C PRO A 208 -5.47 8.28 31.89
N GLU A 209 -6.22 7.50 32.69
CA GLU A 209 -6.07 6.06 32.68
C GLU A 209 -6.23 5.48 31.28
N ASP A 210 -7.20 5.98 30.53
CA ASP A 210 -7.45 5.45 29.19
C ASP A 210 -6.27 5.71 28.27
N PHE A 211 -5.71 6.92 28.34
CA PHE A 211 -4.56 7.25 27.50
C PHE A 211 -3.35 6.40 27.88
N GLU A 212 -3.11 6.22 29.18
CA GLU A 212 -1.96 5.45 29.63
C GLU A 212 -2.10 3.98 29.23
N ARG A 213 -3.26 3.39 29.48
CA ARG A 213 -3.49 2.01 29.09
C ARG A 213 -3.28 1.84 27.58
N GLN A 214 -3.79 2.78 26.79
CA GLN A 214 -3.61 2.69 25.35
C GLN A 214 -2.14 2.75 24.97
N VAL A 215 -1.39 3.68 25.57
CA VAL A 215 0.03 3.82 25.25
C VAL A 215 0.77 2.54 25.58
N SER A 216 0.42 1.91 26.70
CA SER A 216 1.10 0.68 27.10
C SER A 216 0.81 -0.47 26.16
N LYS A 217 -0.25 -0.37 25.34
CA LYS A 217 -0.59 -1.39 24.36
C LYS A 217 0.02 -1.15 22.99
N LEU A 218 0.69 -0.01 22.79
CA LEU A 218 1.41 0.23 21.55
C LEU A 218 2.64 -0.68 21.47
N PRO A 219 3.05 -1.05 20.25
CA PRO A 219 4.25 -1.91 20.12
C PRO A 219 5.49 -1.33 20.77
N LEU A 220 5.69 -0.02 20.70
CA LEU A 220 6.84 0.58 21.38
C LEU A 220 6.54 0.96 22.82
N GLN A 221 5.29 0.80 23.26
CA GLN A 221 4.88 1.06 24.64
C GLN A 221 5.23 2.48 25.09
N ARG A 222 5.28 3.43 24.16
CA ARG A 222 5.61 4.81 24.47
C ARG A 222 4.87 5.72 23.50
N ALA A 223 4.49 6.90 23.99
CA ALA A 223 3.87 7.88 23.13
C ALA A 223 4.94 8.70 22.41
N PRO A 224 4.63 9.22 21.24
CA PRO A 224 5.48 10.26 20.64
C PRO A 224 5.60 11.44 21.60
N GLU A 225 6.82 11.91 21.78
CA GLU A 225 7.08 13.09 22.57
C GLU A 225 6.90 14.33 21.71
N LEU A 226 6.39 15.39 22.34
CA LEU A 226 6.10 16.61 21.60
C LEU A 226 7.27 17.13 20.77
N PRO A 227 8.53 17.08 21.23
CA PRO A 227 9.62 17.57 20.36
C PRO A 227 9.76 16.82 19.05
N GLU A 228 9.24 15.60 18.94
CA GLU A 228 9.42 14.85 17.70
C GLU A 228 8.66 15.48 16.53
N PHE A 229 7.60 16.24 16.82
CA PHE A 229 6.79 16.80 15.75
C PHE A 229 7.53 17.92 15.03
N GLY A 230 8.03 18.91 15.78
CA GLY A 230 8.83 19.95 15.15
C GLY A 230 10.09 19.40 14.49
N ARG A 231 10.74 18.43 15.14
CA ARG A 231 11.94 17.85 14.54
C ARG A 231 11.61 17.21 13.20
N THR A 232 10.41 16.65 13.06
CA THR A 232 10.05 16.00 11.82
C THR A 232 9.78 17.02 10.72
N VAL A 233 9.11 18.12 11.07
CA VAL A 233 8.92 19.18 10.09
C VAL A 233 10.27 19.68 9.60
N ARG A 234 11.20 19.91 10.53
CA ARG A 234 12.53 20.38 10.13
C ARG A 234 13.25 19.30 9.32
N TYR A 235 13.12 18.03 9.71
CA TYR A 235 13.67 16.94 8.91
C TYR A 235 13.19 17.01 7.46
N PHE A 236 11.87 17.14 7.26
CA PHE A 236 11.35 17.30 5.91
C PHE A 236 11.90 18.55 5.23
N TRP A 237 12.03 19.67 5.96
CA TRP A 237 12.57 20.87 5.35
C TRP A 237 14.01 20.68 4.91
N GLU A 238 14.78 19.91 5.67
CA GLU A 238 16.24 19.86 5.52
C GLU A 238 16.72 18.83 4.53
N ASN A 239 15.84 18.00 3.98
CA ASN A 239 16.27 16.92 3.09
C ASN A 239 15.39 16.98 1.85
N ARG A 240 15.91 17.64 0.83
CA ARG A 240 15.12 18.12 -0.28
C ARG A 240 14.74 17.02 -1.27
N SER A 241 15.19 15.79 -1.07
CA SER A 241 14.81 14.71 -1.98
C SER A 241 13.50 14.02 -1.58
N ILE A 242 12.86 14.45 -0.50
CA ILE A 242 11.68 13.78 0.06
C ILE A 242 10.41 14.51 -0.36
N THR A 243 9.52 13.83 -1.08
CA THR A 243 8.19 14.37 -1.27
C THR A 243 7.19 13.20 -1.31
N GLY A 244 5.92 13.52 -1.01
CA GLY A 244 4.83 12.55 -1.08
C GLY A 244 4.84 11.49 0.00
N GLN A 245 5.49 11.75 1.13
CA GLN A 245 5.77 10.70 2.11
C GLN A 245 5.31 11.11 3.50
N MET A 246 5.13 10.11 4.35
CA MET A 246 4.62 10.32 5.70
C MET A 246 5.47 9.59 6.72
N ILE A 247 5.66 10.20 7.89
CA ILE A 247 6.21 9.53 9.06
C ILE A 247 5.10 9.41 10.10
N ALA A 248 4.87 8.20 10.58
CA ALA A 248 3.93 8.00 11.68
C ALA A 248 4.70 8.11 12.98
N LEU A 249 4.46 9.20 13.73
CA LEU A 249 4.99 9.35 15.08
C LEU A 249 3.97 8.74 16.02
N ASP A 250 4.00 7.41 16.13
CA ASP A 250 2.84 6.73 16.70
C ASP A 250 3.17 5.58 17.62
N GLY A 251 4.43 5.39 18.01
CA GLY A 251 4.75 4.30 18.91
C GLY A 251 4.53 2.92 18.32
N GLY A 252 4.51 2.82 16.99
CA GLY A 252 4.22 1.57 16.31
C GLY A 252 2.75 1.26 16.09
N GLN A 253 1.85 2.19 16.43
CA GLN A 253 0.44 1.83 16.51
C GLN A 253 -0.08 1.24 15.20
N HIS A 254 0.33 1.82 14.06
CA HIS A 254 -0.21 1.31 12.80
C HIS A 254 0.25 -0.10 12.49
N LEU A 255 1.27 -0.60 13.18
CA LEU A 255 1.78 -1.96 13.00
C LEU A 255 1.19 -2.95 13.99
N ALA A 256 0.30 -2.50 14.89
CA ALA A 256 -0.38 -3.41 15.79
C ALA A 256 -1.09 -4.49 14.98
N TRP A 257 -1.05 -5.72 15.48
CA TRP A 257 -1.46 -6.85 14.65
C TRP A 257 -2.23 -7.94 15.37
N GLU A 258 -2.18 -8.04 16.71
CA GLU A 258 -2.81 -9.13 17.44
CA GLU A 258 -2.81 -9.15 17.41
C GLU A 258 -4.31 -8.90 17.52
N THR A 259 -5.06 -9.48 16.60
CA THR A 259 -6.50 -9.40 16.57
C THR A 259 -7.10 -10.68 17.16
N PRO A 260 -8.40 -10.68 17.50
CA PRO A 260 -8.97 -11.85 18.18
C PRO A 260 -8.91 -13.13 17.36
N ASP A 261 -8.85 -13.04 16.04
CA ASP A 261 -8.73 -14.24 15.21
C ASP A 261 -7.34 -14.87 15.28
N ILE A 262 -6.39 -14.27 15.98
CA ILE A 262 -5.08 -14.88 16.19
C ILE A 262 -4.94 -15.34 17.64
N MET B 17 -30.29 -17.97 -3.83
CA MET B 17 -30.79 -18.03 -5.20
C MET B 17 -30.88 -16.63 -5.80
N VAL B 18 -30.57 -16.50 -7.09
CA VAL B 18 -30.58 -15.18 -7.72
C VAL B 18 -31.99 -14.63 -7.84
N ALA B 19 -33.00 -15.49 -7.88
CA ALA B 19 -34.39 -15.04 -7.89
C ALA B 19 -34.76 -14.29 -6.60
N ASN B 20 -34.04 -14.55 -5.51
CA ASN B 20 -34.28 -13.91 -4.22
C ASN B 20 -33.19 -12.90 -3.87
N CYS B 21 -32.64 -12.22 -4.89
CA CYS B 21 -31.60 -11.21 -4.69
C CYS B 21 -31.86 -10.02 -5.59
N PRO B 22 -32.76 -9.12 -5.18
CA PRO B 22 -33.05 -7.96 -6.02
C PRO B 22 -31.87 -6.98 -6.05
N VAL B 23 -31.62 -6.41 -7.22
CA VAL B 23 -30.43 -5.60 -7.47
C VAL B 23 -30.85 -4.17 -7.73
N LEU B 24 -30.07 -3.24 -7.17
CA LEU B 24 -30.16 -1.83 -7.52
C LEU B 24 -28.85 -1.42 -8.16
N VAL B 25 -28.91 -0.95 -9.41
CA VAL B 25 -27.74 -0.47 -10.13
C VAL B 25 -27.92 1.02 -10.38
N THR B 26 -27.09 1.85 -9.74
CA THR B 26 -27.13 3.28 -10.00
C THR B 26 -26.51 3.57 -11.37
N GLY B 27 -27.04 4.58 -12.06
CA GLY B 27 -26.57 4.90 -13.39
C GLY B 27 -26.61 3.74 -14.35
N GLY B 28 -27.66 2.91 -14.28
CA GLY B 28 -27.73 1.67 -15.00
C GLY B 28 -28.32 1.73 -16.39
N ALA B 29 -28.55 2.92 -16.95
CA ALA B 29 -29.25 3.03 -18.22
C ALA B 29 -28.33 3.05 -19.44
N ARG B 30 -27.02 3.22 -19.24
CA ARG B 30 -26.10 3.32 -20.36
C ARG B 30 -24.79 2.62 -20.04
N ARG B 31 -24.07 2.25 -21.10
CA ARG B 31 -22.63 1.93 -21.06
C ARG B 31 -22.38 0.83 -20.03
N ILE B 32 -21.45 1.02 -19.10
CA ILE B 32 -21.07 -0.06 -18.18
C ILE B 32 -22.23 -0.45 -17.28
N GLY B 33 -22.93 0.54 -16.72
CA GLY B 33 -24.08 0.23 -15.88
C GLY B 33 -25.13 -0.59 -16.61
N LYS B 34 -25.39 -0.26 -17.88
CA LYS B 34 -26.31 -1.05 -18.69
C LYS B 34 -25.79 -2.48 -18.89
N ALA B 35 -24.49 -2.63 -19.12
CA ALA B 35 -23.92 -3.95 -19.27
C ALA B 35 -24.12 -4.79 -18.01
N ILE B 36 -23.99 -4.16 -16.84
CA ILE B 36 -24.16 -4.89 -15.58
C ILE B 36 -25.62 -5.27 -15.39
N VAL B 37 -26.53 -4.32 -15.60
CA VAL B 37 -27.96 -4.58 -15.47
C VAL B 37 -28.38 -5.74 -16.35
N GLU B 38 -27.99 -5.69 -17.63
CA GLU B 38 -28.46 -6.70 -18.56
C GLU B 38 -27.85 -8.06 -18.26
N ASP B 39 -26.60 -8.10 -17.80
CA ASP B 39 -26.00 -9.37 -17.43
C ASP B 39 -26.73 -9.99 -16.24
N LEU B 40 -27.01 -9.18 -15.22
CA LEU B 40 -27.68 -9.70 -14.03
C LEU B 40 -29.09 -10.15 -14.35
N ALA B 41 -29.85 -9.32 -15.07
CA ALA B 41 -31.23 -9.66 -15.38
C ALA B 41 -31.30 -10.92 -16.22
N SER B 42 -30.39 -11.05 -17.20
CA SER B 42 -30.35 -12.25 -18.03
C SER B 42 -29.92 -13.47 -17.23
N HIS B 43 -29.42 -13.31 -16.01
CA HIS B 43 -29.05 -14.43 -15.15
C HIS B 43 -30.04 -14.63 -14.00
N GLY B 44 -31.21 -14.01 -14.05
CA GLY B 44 -32.26 -14.31 -13.10
C GLY B 44 -32.39 -13.36 -11.93
N PHE B 45 -31.55 -12.32 -11.83
CA PHE B 45 -31.70 -11.32 -10.79
C PHE B 45 -32.84 -10.36 -11.13
N PRO B 46 -33.70 -10.02 -10.17
CA PRO B 46 -34.56 -8.83 -10.34
C PRO B 46 -33.70 -7.58 -10.24
N VAL B 47 -33.88 -6.66 -11.19
CA VAL B 47 -32.99 -5.52 -11.35
C VAL B 47 -33.81 -4.23 -11.33
N ALA B 48 -33.53 -3.38 -10.34
CA ALA B 48 -34.01 -2.00 -10.30
C ALA B 48 -32.99 -1.12 -11.01
N ILE B 49 -33.36 -0.59 -12.17
CA ILE B 49 -32.47 0.25 -12.96
C ILE B 49 -32.62 1.68 -12.47
N HIS B 50 -31.59 2.21 -11.82
CA HIS B 50 -31.62 3.61 -11.46
C HIS B 50 -31.08 4.47 -12.58
N CYS B 51 -31.70 5.64 -12.76
CA CYS B 51 -31.22 6.61 -13.72
C CYS B 51 -31.68 7.99 -13.28
N ASN B 52 -31.21 9.02 -13.99
CA ASN B 52 -31.65 10.39 -13.71
C ASN B 52 -32.09 11.05 -15.02
N ARG B 53 -31.13 11.31 -15.91
CA ARG B 53 -31.42 11.88 -17.22
C ARG B 53 -31.84 10.85 -18.26
N SER B 54 -31.24 9.65 -18.24
CA SER B 54 -31.41 8.68 -19.32
C SER B 54 -32.68 7.85 -19.16
N LEU B 55 -33.81 8.50 -18.89
CA LEU B 55 -35.02 7.77 -18.56
C LEU B 55 -35.50 6.92 -19.74
N ASP B 56 -35.37 7.45 -20.96
CA ASP B 56 -35.81 6.69 -22.13
C ASP B 56 -34.97 5.44 -22.32
N GLU B 57 -33.64 5.58 -22.25
CA GLU B 57 -32.75 4.42 -22.30
C GLU B 57 -33.10 3.41 -21.20
N GLY B 58 -33.35 3.91 -19.99
CA GLY B 58 -33.69 3.05 -18.88
C GLY B 58 -34.95 2.25 -19.10
N GLU B 59 -36.06 2.96 -19.39
CA GLU B 59 -37.34 2.26 -19.59
C GLU B 59 -37.24 1.25 -20.74
N ALA B 60 -36.48 1.59 -21.78
CA ALA B 60 -36.29 0.66 -22.89
C ALA B 60 -35.62 -0.62 -22.43
N ILE B 61 -34.51 -0.50 -21.67
CA ILE B 61 -33.79 -1.68 -21.19
C ILE B 61 -34.71 -2.55 -20.35
N ALA B 62 -35.43 -1.93 -19.41
CA ALA B 62 -36.30 -2.70 -18.54
C ALA B 62 -37.46 -3.35 -19.30
N ASN B 63 -37.99 -2.65 -20.30
CA ASN B 63 -39.10 -3.22 -21.07
C ASN B 63 -38.64 -4.41 -21.91
N ARG B 64 -37.44 -4.33 -22.50
CA ARG B 64 -36.90 -5.48 -23.20
C ARG B 64 -36.66 -6.65 -22.26
N ILE B 65 -36.22 -6.36 -21.03
CA ILE B 65 -36.03 -7.41 -20.03
C ILE B 65 -37.36 -8.06 -19.69
N ASN B 66 -38.35 -7.25 -19.31
CA ASN B 66 -39.66 -7.80 -18.95
C ASN B 66 -40.27 -8.60 -20.09
N ASP B 67 -40.30 -8.02 -21.30
CA ASP B 67 -40.80 -8.74 -22.47
C ASP B 67 -40.10 -10.07 -22.65
N SER B 68 -38.83 -10.17 -22.27
CA SER B 68 -38.09 -11.42 -22.33
C SER B 68 -38.36 -12.32 -21.13
N GLY B 69 -39.29 -11.94 -20.25
CA GLY B 69 -39.62 -12.76 -19.09
C GLY B 69 -38.78 -12.48 -17.86
N GLY B 70 -37.81 -11.58 -17.94
CA GLY B 70 -37.05 -11.16 -16.76
C GLY B 70 -37.91 -10.32 -15.83
N ASN B 71 -37.27 -9.59 -14.92
CA ASN B 71 -37.98 -8.84 -13.89
C ASN B 71 -37.20 -7.54 -13.63
N ALA B 72 -37.57 -6.47 -14.33
CA ALA B 72 -36.89 -5.19 -14.23
C ALA B 72 -37.88 -4.07 -13.92
N CYS B 73 -37.34 -3.01 -13.32
CA CYS B 73 -38.10 -1.80 -13.06
C CYS B 73 -37.13 -0.62 -13.12
N VAL B 74 -37.69 0.58 -13.28
CA VAL B 74 -36.89 1.79 -13.40
C VAL B 74 -37.24 2.71 -12.24
N VAL B 75 -36.23 3.06 -11.44
CA VAL B 75 -36.35 4.05 -10.38
C VAL B 75 -35.54 5.28 -10.79
N GLN B 76 -36.06 6.45 -10.44
CA GLN B 76 -35.47 7.71 -10.83
C GLN B 76 -35.15 8.51 -9.59
N ALA B 77 -33.99 9.18 -9.59
CA ALA B 77 -33.57 9.95 -8.44
C ALA B 77 -32.31 10.74 -8.81
N ASP B 78 -32.22 11.96 -8.31
CA ASP B 78 -31.00 12.75 -8.39
C ASP B 78 -30.11 12.36 -7.21
N LEU B 79 -28.99 11.69 -7.50
CA LEU B 79 -28.10 11.20 -6.45
C LEU B 79 -27.42 12.32 -5.66
N GLU B 80 -27.58 13.58 -6.05
CA GLU B 80 -27.01 14.68 -5.29
C GLU B 80 -28.04 15.38 -4.41
N GLY B 81 -29.27 14.89 -4.37
CA GLY B 81 -30.30 15.44 -3.51
C GLY B 81 -30.75 14.43 -2.48
N ASP B 82 -32.05 14.38 -2.21
CA ASP B 82 -32.61 13.43 -1.25
C ASP B 82 -32.61 12.04 -1.89
N VAL B 83 -31.64 11.20 -1.51
CA VAL B 83 -31.58 9.81 -1.94
C VAL B 83 -32.14 8.86 -0.89
N ARG B 84 -32.85 9.39 0.12
CA ARG B 84 -33.34 8.59 1.22
C ARG B 84 -34.61 7.82 0.89
N GLY B 85 -35.18 8.02 -0.30
CA GLY B 85 -36.30 7.21 -0.73
C GLY B 85 -35.98 6.25 -1.86
N LEU B 86 -34.73 6.27 -2.32
CA LEU B 86 -34.36 5.55 -3.53
C LEU B 86 -34.41 4.04 -3.33
N VAL B 87 -33.81 3.55 -2.23
CA VAL B 87 -33.88 2.12 -1.94
C VAL B 87 -35.33 1.69 -1.73
N LYS B 88 -36.16 2.56 -1.15
CA LYS B 88 -37.57 2.25 -1.00
C LYS B 88 -38.27 2.14 -2.35
N GLN B 89 -38.04 3.13 -3.22
CA GLN B 89 -38.55 3.07 -4.59
C GLN B 89 -38.25 1.71 -5.22
N ALA B 90 -36.99 1.31 -5.19
CA ALA B 90 -36.59 0.04 -5.76
C ALA B 90 -37.34 -1.11 -5.10
N SER B 91 -37.25 -1.19 -3.76
CA SER B 91 -37.82 -2.34 -3.06
C SER B 91 -39.35 -2.34 -3.08
N ASP B 92 -39.97 -1.20 -3.38
CA ASP B 92 -41.42 -1.22 -3.59
C ASP B 92 -41.79 -1.98 -4.84
N ARG B 93 -40.89 -2.03 -5.82
CA ARG B 93 -41.20 -2.63 -7.11
C ARG B 93 -40.66 -4.05 -7.26
N ILE B 94 -39.46 -4.36 -6.73
CA ILE B 94 -38.86 -5.66 -6.99
C ILE B 94 -38.41 -6.36 -5.71
N GLY B 95 -38.83 -5.86 -4.55
CA GLY B 95 -38.48 -6.48 -3.29
C GLY B 95 -37.24 -5.88 -2.67
N PRO B 96 -36.98 -6.19 -1.41
CA PRO B 96 -35.91 -5.49 -0.66
C PRO B 96 -34.55 -5.69 -1.31
N ILE B 97 -33.85 -4.57 -1.53
CA ILE B 97 -32.61 -4.61 -2.29
C ILE B 97 -31.57 -5.42 -1.52
N ARG B 98 -30.98 -6.40 -2.19
CA ARG B 98 -30.00 -7.27 -1.60
C ARG B 98 -28.61 -7.07 -2.18
N LEU B 99 -28.51 -6.45 -3.35
CA LEU B 99 -27.25 -6.26 -4.05
C LEU B 99 -27.28 -4.84 -4.61
N LEU B 100 -26.43 -3.98 -4.06
CA LEU B 100 -26.32 -2.59 -4.51
C LEU B 100 -25.05 -2.47 -5.35
N VAL B 101 -25.19 -1.98 -6.56
CA VAL B 101 -24.05 -1.66 -7.41
C VAL B 101 -23.97 -0.14 -7.48
N ASN B 102 -22.98 0.44 -6.80
CA ASN B 102 -22.75 1.88 -6.81
C ASN B 102 -21.92 2.19 -8.04
N ASN B 103 -22.61 2.41 -9.15
CA ASN B 103 -22.00 2.59 -10.46
C ASN B 103 -22.08 4.02 -10.98
N ALA B 104 -23.07 4.79 -10.55
CA ALA B 104 -23.25 6.14 -11.04
C ALA B 104 -21.98 6.96 -10.84
N SER B 105 -21.69 7.80 -11.82
CA SER B 105 -20.42 8.50 -11.82
C SER B 105 -20.54 9.86 -12.48
N LEU B 106 -19.63 10.73 -12.08
CA LEU B 106 -19.33 11.98 -12.74
C LEU B 106 -17.82 12.04 -12.94
N PHE B 107 -17.37 12.31 -14.17
CA PHE B 107 -15.94 12.29 -14.52
C PHE B 107 -15.57 13.61 -15.20
N GLN B 108 -15.30 14.63 -14.41
CA GLN B 108 -14.94 15.94 -14.94
C GLN B 108 -13.59 16.38 -14.41
N GLU B 109 -12.83 17.05 -15.26
CA GLU B 109 -11.46 17.40 -14.94
C GLU B 109 -11.38 18.65 -14.07
N ASP B 110 -10.47 18.62 -13.09
CA ASP B 110 -9.91 19.82 -12.49
C ASP B 110 -8.46 19.52 -12.12
N LYS B 111 -7.77 20.53 -11.60
CA LYS B 111 -6.37 20.33 -11.26
C LYS B 111 -5.98 21.35 -10.21
N VAL B 112 -4.98 20.99 -9.40
CA VAL B 112 -4.42 21.92 -8.43
C VAL B 112 -4.01 23.19 -9.15
N GLY B 113 -4.28 24.33 -8.52
CA GLY B 113 -4.00 25.62 -9.12
C GLY B 113 -5.23 26.31 -9.68
N ALA B 114 -6.30 25.56 -9.91
CA ALA B 114 -7.54 26.14 -10.44
C ALA B 114 -8.74 25.36 -9.94
N LEU B 115 -8.72 24.99 -8.67
CA LEU B 115 -9.75 24.11 -8.14
C LEU B 115 -11.02 24.89 -7.86
N ASP B 116 -12.14 24.35 -8.34
CA ASP B 116 -13.47 24.88 -8.05
C ASP B 116 -14.20 23.87 -7.18
N MET B 117 -14.59 24.30 -5.98
CA MET B 117 -15.13 23.38 -5.00
C MET B 117 -16.56 22.94 -5.31
N ALA B 118 -17.27 23.64 -6.20
CA ALA B 118 -18.58 23.13 -6.60
C ALA B 118 -18.44 21.81 -7.33
N LEU B 119 -17.47 21.70 -8.24
CA LEU B 119 -17.26 20.43 -8.94
C LEU B 119 -16.71 19.39 -7.99
N TRP B 120 -15.74 19.78 -7.16
CA TRP B 120 -15.24 18.92 -6.09
C TRP B 120 -16.39 18.29 -5.31
N ASP B 121 -17.35 19.12 -4.88
CA ASP B 121 -18.46 18.63 -4.07
C ASP B 121 -19.30 17.60 -4.82
N ARG B 122 -19.51 17.81 -6.11
CA ARG B 122 -20.32 16.86 -6.88
C ARG B 122 -19.61 15.52 -6.98
N HIS B 123 -18.30 15.54 -7.22
CA HIS B 123 -17.53 14.30 -7.26
C HIS B 123 -17.69 13.51 -5.97
N PHE B 124 -17.57 14.18 -4.82
CA PHE B 124 -17.70 13.49 -3.55
C PHE B 124 -19.14 13.07 -3.27
N ALA B 125 -20.12 13.83 -3.74
CA ALA B 125 -21.51 13.45 -3.53
C ALA B 125 -21.83 12.15 -4.26
N VAL B 126 -21.43 12.07 -5.54
CA VAL B 126 -21.84 10.92 -6.34
C VAL B 126 -20.95 9.70 -6.06
N HIS B 127 -19.66 9.90 -5.77
CA HIS B 127 -18.76 8.77 -5.59
C HIS B 127 -18.60 8.33 -4.16
N LEU B 128 -18.94 9.19 -3.19
CA LEU B 128 -18.68 8.81 -1.81
C LEU B 128 -19.92 8.93 -0.95
N LYS B 129 -20.50 10.13 -0.89
CA LYS B 129 -21.64 10.36 -0.01
C LYS B 129 -22.81 9.45 -0.37
N THR B 130 -23.23 9.47 -1.63
CA THR B 130 -24.39 8.68 -2.04
C THR B 130 -24.13 7.18 -1.93
N PRO B 131 -23.01 6.63 -2.45
CA PRO B 131 -22.74 5.20 -2.23
C PRO B 131 -22.83 4.77 -0.77
N VAL B 132 -22.31 5.60 0.15
CA VAL B 132 -22.37 5.25 1.57
C VAL B 132 -23.79 5.33 2.08
N ILE B 133 -24.53 6.37 1.70
CA ILE B 133 -25.92 6.51 2.16
C ILE B 133 -26.77 5.35 1.64
N LEU B 134 -26.65 5.02 0.36
CA LEU B 134 -27.43 3.92 -0.20
C LEU B 134 -27.06 2.61 0.47
N ALA B 135 -25.78 2.39 0.74
CA ALA B 135 -25.39 1.19 1.49
C ALA B 135 -26.04 1.19 2.86
N GLU B 136 -26.03 2.34 3.54
CA GLU B 136 -26.66 2.46 4.85
C GLU B 136 -28.14 2.10 4.77
N ASP B 137 -28.85 2.66 3.77
CA ASP B 137 -30.28 2.39 3.63
C ASP B 137 -30.55 0.93 3.30
N MET B 138 -29.69 0.32 2.48
CA MET B 138 -29.86 -1.09 2.16
C MET B 138 -29.76 -1.94 3.42
N ARG B 139 -28.75 -1.67 4.26
CA ARG B 139 -28.61 -2.43 5.50
C ARG B 139 -29.82 -2.25 6.40
N LYS B 140 -30.37 -1.04 6.44
CA LYS B 140 -31.53 -0.81 7.28
C LYS B 140 -32.72 -1.64 6.81
N ALA B 141 -32.94 -1.70 5.50
CA ALA B 141 -34.13 -2.32 4.95
C ALA B 141 -33.95 -3.80 4.63
N LEU B 142 -32.77 -4.38 4.85
CA LEU B 142 -32.56 -5.78 4.48
C LEU B 142 -32.99 -6.69 5.63
N PRO B 143 -33.94 -7.60 5.42
CA PRO B 143 -34.33 -8.52 6.50
C PRO B 143 -33.13 -9.27 7.06
N GLU B 144 -33.12 -9.44 8.38
CA GLU B 144 -31.94 -9.93 9.07
C GLU B 144 -31.58 -11.36 8.69
N ASP B 145 -32.53 -12.15 8.18
CA ASP B 145 -32.24 -13.50 7.70
C ASP B 145 -31.69 -13.52 6.27
N GLN B 146 -31.31 -12.37 5.73
CA GLN B 146 -30.72 -12.28 4.39
C GLN B 146 -29.39 -11.55 4.49
N ASP B 147 -28.36 -12.11 3.85
CA ASP B 147 -27.11 -11.39 3.71
C ASP B 147 -27.16 -10.54 2.44
N GLY B 148 -26.21 -9.61 2.34
CA GLY B 148 -26.21 -8.70 1.23
C GLY B 148 -24.79 -8.42 0.74
N LEU B 149 -24.73 -7.69 -0.38
CA LEU B 149 -23.47 -7.35 -1.01
C LEU B 149 -23.60 -5.96 -1.60
N VAL B 150 -22.55 -5.14 -1.44
CA VAL B 150 -22.41 -3.87 -2.14
C VAL B 150 -21.19 -3.99 -3.04
N VAL B 151 -21.34 -3.61 -4.30
CA VAL B 151 -20.21 -3.54 -5.23
C VAL B 151 -20.07 -2.08 -5.66
N ASN B 152 -18.96 -1.45 -5.25
CA ASN B 152 -18.64 -0.09 -5.64
C ASN B 152 -17.86 -0.12 -6.95
N ILE B 153 -18.30 0.67 -7.93
CA ILE B 153 -17.55 0.81 -9.17
C ILE B 153 -16.64 2.03 -9.00
N ILE B 154 -15.34 1.79 -8.99
CA ILE B 154 -14.39 2.85 -8.69
C ILE B 154 -13.64 3.21 -9.98
N ASP B 155 -12.35 2.87 -10.03
CA ASP B 155 -11.46 3.34 -11.09
C ASP B 155 -10.07 2.81 -10.79
N GLN B 156 -9.41 2.21 -11.80
CA GLN B 156 -8.08 1.65 -11.60
C GLN B 156 -7.10 2.68 -11.07
N ARG B 157 -7.34 3.97 -11.30
CA ARG B 157 -6.34 4.98 -10.95
C ARG B 157 -6.12 5.08 -9.44
N VAL B 158 -7.05 4.57 -8.63
CA VAL B 158 -6.81 4.58 -7.19
C VAL B 158 -5.65 3.67 -6.80
N TRP B 159 -5.26 2.74 -7.68
CA TRP B 159 -4.10 1.89 -7.49
C TRP B 159 -2.86 2.39 -8.22
N LYS B 160 -2.96 3.53 -8.91
CA LYS B 160 -1.83 4.12 -9.61
CA LYS B 160 -1.84 4.12 -9.62
C LYS B 160 -2.08 5.63 -9.61
N LEU B 161 -1.85 6.24 -8.45
CA LEU B 161 -2.20 7.64 -8.25
C LEU B 161 -1.36 8.54 -9.14
N ASN B 162 -1.99 9.59 -9.66
CA ASN B 162 -1.32 10.64 -10.41
C ASN B 162 -2.10 11.92 -10.20
N PRO B 163 -1.52 13.06 -10.56
CA PRO B 163 -2.15 14.35 -10.20
C PRO B 163 -3.23 14.83 -11.15
N GLN B 164 -3.58 14.06 -12.17
CA GLN B 164 -4.62 14.51 -13.09
C GLN B 164 -5.99 14.23 -12.49
N PHE B 165 -6.98 15.02 -12.92
CA PHE B 165 -8.36 14.86 -12.47
C PHE B 165 -8.42 14.84 -10.94
N PHE B 166 -8.09 16.01 -10.37
CA PHE B 166 -7.69 16.05 -8.97
C PHE B 166 -8.82 15.67 -8.03
N SER B 167 -9.95 16.38 -8.11
CA SER B 167 -11.04 16.09 -7.16
C SER B 167 -11.73 14.78 -7.50
N TYR B 168 -11.84 14.45 -8.80
CA TYR B 168 -12.38 13.16 -9.19
C TYR B 168 -11.58 12.01 -8.58
N THR B 169 -10.26 12.08 -8.68
CA THR B 169 -9.40 11.01 -8.15
C THR B 169 -9.53 10.89 -6.64
N LEU B 170 -9.49 12.01 -5.91
CA LEU B 170 -9.66 11.97 -4.47
C LEU B 170 -10.99 11.32 -4.09
N SER B 171 -12.06 11.65 -4.82
CA SER B 171 -13.35 11.07 -4.47
C SER B 171 -13.41 9.58 -4.79
N LYS B 172 -12.74 9.14 -5.87
CA LYS B 172 -12.72 7.72 -6.16
C LYS B 172 -11.82 6.99 -5.17
N SER B 173 -10.69 7.61 -4.79
CA SER B 173 -9.84 7.03 -3.75
C SER B 173 -10.59 6.89 -2.44
N ALA B 174 -11.44 7.88 -2.12
CA ALA B 174 -12.26 7.80 -0.92
C ALA B 174 -13.25 6.63 -1.00
N LEU B 175 -13.84 6.41 -2.17
CA LEU B 175 -14.75 5.27 -2.34
C LEU B 175 -14.02 3.95 -2.14
N TRP B 176 -12.75 3.88 -2.58
CA TRP B 176 -11.95 2.70 -2.31
C TRP B 176 -11.62 2.56 -0.83
N ASN B 177 -11.24 3.67 -0.17
CA ASN B 177 -11.06 3.62 1.27
C ASN B 177 -12.35 3.18 1.96
N ALA B 178 -13.49 3.76 1.57
CA ALA B 178 -14.76 3.38 2.16
C ALA B 178 -15.11 1.93 1.88
N THR B 179 -14.59 1.37 0.79
CA THR B 179 -14.87 -0.05 0.54
C THR B 179 -14.30 -0.90 1.66
N ARG B 180 -13.12 -0.53 2.18
CA ARG B 180 -12.56 -1.27 3.31
C ARG B 180 -13.34 -0.98 4.59
N THR B 181 -13.58 0.29 4.92
CA THR B 181 -14.18 0.56 6.22
C THR B 181 -15.68 0.24 6.25
N LEU B 182 -16.38 0.34 5.11
CA LEU B 182 -17.76 -0.17 5.07
C LEU B 182 -17.79 -1.68 5.24
N ALA B 183 -16.82 -2.38 4.64
CA ALA B 183 -16.77 -3.83 4.78
C ALA B 183 -16.58 -4.22 6.23
N GLN B 184 -15.69 -3.51 6.94
CA GLN B 184 -15.50 -3.77 8.36
C GLN B 184 -16.74 -3.40 9.16
N ALA B 185 -17.42 -2.31 8.80
CA ALA B 185 -18.58 -1.87 9.58
C ALA B 185 -19.79 -2.75 9.35
N LEU B 186 -20.01 -3.20 8.11
CA LEU B 186 -21.24 -3.90 7.78
C LEU B 186 -21.12 -5.42 7.90
N ALA B 187 -19.93 -5.94 8.17
CA ALA B 187 -19.76 -7.36 8.42
C ALA B 187 -20.45 -7.74 9.72
N PRO B 188 -20.95 -8.98 9.84
CA PRO B 188 -20.88 -10.08 8.87
C PRO B 188 -22.00 -10.14 7.83
N ARG B 189 -23.08 -9.38 8.02
CA ARG B 189 -24.26 -9.63 7.20
C ARG B 189 -24.13 -9.04 5.79
N ILE B 190 -23.37 -7.95 5.62
CA ILE B 190 -23.26 -7.32 4.32
C ILE B 190 -21.79 -7.23 3.93
N ARG B 191 -21.48 -7.71 2.73
CA ARG B 191 -20.13 -7.61 2.18
C ARG B 191 -20.04 -6.41 1.25
N VAL B 192 -18.86 -5.82 1.19
CA VAL B 192 -18.61 -4.65 0.35
C VAL B 192 -17.33 -4.89 -0.44
N ASN B 193 -17.46 -4.96 -1.76
CA ASN B 193 -16.35 -5.17 -2.67
C ASN B 193 -16.40 -4.12 -3.76
N ALA B 194 -15.48 -4.20 -4.71
CA ALA B 194 -15.38 -3.12 -5.68
C ALA B 194 -14.83 -3.63 -7.00
N ILE B 195 -15.11 -2.87 -8.06
CA ILE B 195 -14.54 -3.05 -9.38
C ILE B 195 -13.86 -1.76 -9.78
N ALA B 196 -12.62 -1.85 -10.26
CA ALA B 196 -11.85 -0.69 -10.69
C ALA B 196 -11.68 -0.78 -12.19
N PRO B 197 -12.56 -0.15 -12.98
CA PRO B 197 -12.42 -0.27 -14.44
C PRO B 197 -11.19 0.45 -14.94
N GLY B 198 -10.57 -0.13 -15.96
CA GLY B 198 -9.62 0.59 -16.78
C GLY B 198 -10.33 1.12 -18.01
N PRO B 199 -9.58 1.34 -19.10
CA PRO B 199 -10.20 1.91 -20.31
C PRO B 199 -11.22 0.96 -20.92
N THR B 200 -12.51 1.26 -20.74
CA THR B 200 -13.58 0.38 -21.18
C THR B 200 -14.36 0.95 -22.36
N LEU B 201 -14.81 2.19 -22.24
CA LEU B 201 -15.48 2.90 -23.30
C LEU B 201 -14.94 4.32 -23.28
N PRO B 202 -14.64 4.89 -24.45
CA PRO B 202 -14.18 6.29 -24.50
C PRO B 202 -15.10 7.21 -23.71
N SER B 203 -14.54 8.34 -23.27
CA SER B 203 -15.24 9.27 -22.40
C SER B 203 -15.92 10.38 -23.22
N GLU B 204 -16.56 11.32 -22.51
CA GLU B 204 -17.18 12.46 -23.18
C GLU B 204 -16.17 13.38 -23.85
N ARG B 205 -14.88 13.17 -23.57
CA ARG B 205 -13.83 14.00 -24.15
CA ARG B 205 -13.81 13.99 -24.11
C ARG B 205 -12.75 13.20 -24.87
N GLN B 206 -12.77 11.87 -24.77
CA GLN B 206 -11.76 11.02 -25.40
C GLN B 206 -12.24 10.57 -26.78
N ARG B 207 -11.42 10.82 -27.80
CA ARG B 207 -11.74 10.36 -29.15
C ARG B 207 -11.56 8.84 -29.23
N PRO B 208 -12.32 8.16 -30.09
CA PRO B 208 -12.14 6.70 -30.20
CA PRO B 208 -12.13 6.70 -30.21
C PRO B 208 -10.71 6.32 -30.57
N GLU B 209 -10.09 7.07 -31.47
CA GLU B 209 -8.70 6.82 -31.86
C GLU B 209 -7.74 7.00 -30.69
N ASP B 210 -8.02 7.95 -29.80
CA ASP B 210 -7.20 8.07 -28.60
C ASP B 210 -7.45 6.92 -27.64
N PHE B 211 -8.73 6.53 -27.47
CA PHE B 211 -9.03 5.39 -26.61
C PHE B 211 -8.32 4.14 -27.11
N GLU B 212 -8.24 3.97 -28.43
CA GLU B 212 -7.55 2.80 -28.98
C GLU B 212 -6.05 2.85 -28.69
N ARG B 213 -5.42 4.02 -28.84
CA ARG B 213 -3.99 4.13 -28.55
C ARG B 213 -3.70 3.82 -27.08
N GLN B 214 -4.52 4.34 -26.18
CA GLN B 214 -4.37 4.02 -24.77
C GLN B 214 -4.43 2.51 -24.54
N VAL B 215 -5.43 1.84 -25.13
CA VAL B 215 -5.55 0.39 -24.96
C VAL B 215 -4.30 -0.31 -25.47
N SER B 216 -3.79 0.12 -26.61
CA SER B 216 -2.59 -0.50 -27.18
C SER B 216 -1.39 -0.37 -26.24
N LYS B 217 -1.41 0.61 -25.34
CA LYS B 217 -0.32 0.83 -24.40
C LYS B 217 -0.54 0.15 -23.05
N LEU B 218 -1.67 -0.49 -22.83
CA LEU B 218 -1.88 -1.24 -21.60
C LEU B 218 -0.98 -2.49 -21.59
N PRO B 219 -0.54 -2.94 -20.40
CA PRO B 219 0.27 -4.18 -20.34
C PRO B 219 -0.38 -5.37 -21.04
N LEU B 220 -1.70 -5.56 -20.89
CA LEU B 220 -2.35 -6.64 -21.61
C LEU B 220 -2.79 -6.25 -23.02
N GLN B 221 -2.66 -4.97 -23.37
CA GLN B 221 -2.95 -4.50 -24.73
C GLN B 221 -4.39 -4.80 -25.15
N ARG B 222 -5.31 -4.87 -24.19
CA ARG B 222 -6.71 -5.09 -24.49
CA ARG B 222 -6.71 -5.11 -24.49
C ARG B 222 -7.56 -4.41 -23.42
N ALA B 223 -8.73 -3.93 -23.82
CA ALA B 223 -9.68 -3.36 -22.88
C ALA B 223 -10.48 -4.48 -22.22
N PRO B 224 -10.99 -4.25 -21.02
CA PRO B 224 -11.99 -5.18 -20.47
C PRO B 224 -13.18 -5.23 -21.41
N GLU B 225 -13.73 -6.43 -21.57
CA GLU B 225 -14.98 -6.59 -22.31
C GLU B 225 -16.15 -6.36 -21.35
N LEU B 226 -17.21 -5.74 -21.88
CA LEU B 226 -18.38 -5.43 -21.07
C LEU B 226 -18.92 -6.63 -20.28
N PRO B 227 -18.99 -7.85 -20.80
CA PRO B 227 -19.44 -8.97 -19.98
C PRO B 227 -18.61 -9.20 -18.72
N GLU B 228 -17.35 -8.75 -18.67
CA GLU B 228 -16.54 -9.01 -17.49
C GLU B 228 -17.10 -8.31 -16.26
N PHE B 229 -17.85 -7.22 -16.44
CA PHE B 229 -18.30 -6.46 -15.29
C PHE B 229 -19.41 -7.21 -14.55
N GLY B 230 -20.42 -7.68 -15.29
CA GLY B 230 -21.48 -8.45 -14.66
C GLY B 230 -20.98 -9.77 -14.13
N ARG B 231 -20.05 -10.40 -14.86
CA ARG B 231 -19.44 -11.63 -14.35
C ARG B 231 -18.75 -11.38 -13.03
N THR B 232 -18.16 -10.19 -12.85
CA THR B 232 -17.45 -9.91 -11.61
C THR B 232 -18.42 -9.65 -10.45
N VAL B 233 -19.51 -8.93 -10.71
CA VAL B 233 -20.54 -8.77 -9.68
C VAL B 233 -21.05 -10.14 -9.26
N ARG B 234 -21.32 -11.01 -10.24
CA ARG B 234 -21.81 -12.34 -9.91
C ARG B 234 -20.74 -13.15 -9.19
N TYR B 235 -19.48 -12.99 -9.57
CA TYR B 235 -18.40 -13.65 -8.84
C TYR B 235 -18.41 -13.24 -7.37
N PHE B 236 -18.49 -11.93 -7.10
CA PHE B 236 -18.56 -11.47 -5.71
C PHE B 236 -19.79 -12.06 -5.00
N TRP B 237 -20.93 -12.12 -5.68
CA TRP B 237 -22.12 -12.66 -5.02
C TRP B 237 -21.95 -14.14 -4.68
N GLU B 238 -21.33 -14.91 -5.57
CA GLU B 238 -21.32 -16.38 -5.45
C GLU B 238 -20.26 -16.90 -4.48
N ASN B 239 -19.38 -16.05 -3.98
CA ASN B 239 -18.24 -16.48 -3.17
C ASN B 239 -18.23 -15.67 -1.88
N ARG B 240 -18.81 -16.27 -0.85
CA ARG B 240 -19.25 -15.53 0.33
C ARG B 240 -18.12 -15.17 1.27
N SER B 241 -16.90 -15.61 1.02
CA SER B 241 -15.78 -15.30 1.90
C SER B 241 -15.07 -13.99 1.53
N ILE B 242 -15.52 -13.29 0.49
CA ILE B 242 -14.82 -12.12 -0.04
C ILE B 242 -15.48 -10.85 0.47
N THR B 243 -14.73 -9.99 1.13
CA THR B 243 -15.23 -8.67 1.47
C THR B 243 -14.06 -7.70 1.56
N GLY B 244 -14.37 -6.41 1.39
CA GLY B 244 -13.36 -5.36 1.43
C GLY B 244 -12.34 -5.37 0.31
N GLN B 245 -12.66 -5.98 -0.84
CA GLN B 245 -11.67 -6.18 -1.88
C GLN B 245 -12.18 -5.67 -3.23
N MET B 246 -11.23 -5.53 -4.16
CA MET B 246 -11.47 -4.90 -5.45
C MET B 246 -10.75 -5.69 -6.53
N ILE B 247 -11.41 -5.84 -7.67
CA ILE B 247 -10.79 -6.35 -8.88
C ILE B 247 -10.70 -5.20 -9.87
N ALA B 248 -9.51 -4.99 -10.44
CA ALA B 248 -9.32 -3.98 -11.47
C ALA B 248 -9.46 -4.66 -12.82
N LEU B 249 -10.55 -4.37 -13.52
CA LEU B 249 -10.75 -4.86 -14.89
C LEU B 249 -10.13 -3.81 -15.81
N ASP B 250 -8.79 -3.85 -15.92
CA ASP B 250 -8.11 -2.68 -16.48
C ASP B 250 -7.04 -3.01 -17.51
N GLY B 251 -6.97 -4.25 -17.99
CA GLY B 251 -5.90 -4.61 -18.92
C GLY B 251 -4.51 -4.42 -18.34
N GLY B 252 -4.38 -4.44 -17.02
CA GLY B 252 -3.11 -4.20 -16.37
C GLY B 252 -2.74 -2.75 -16.19
N GLN B 253 -3.67 -1.82 -16.41
CA GLN B 253 -3.32 -0.40 -16.41
C GLN B 253 -2.64 0.03 -15.11
N HIS B 254 -3.16 -0.41 -13.97
CA HIS B 254 -2.60 0.07 -12.70
C HIS B 254 -1.19 -0.44 -12.47
N LEU B 255 -0.73 -1.39 -13.28
CA LEU B 255 0.61 -1.98 -13.18
C LEU B 255 1.60 -1.38 -14.14
N ALA B 256 1.17 -0.45 -15.00
CA ALA B 256 2.08 0.20 -15.93
C ALA B 256 3.15 0.93 -15.15
N TRP B 257 4.38 0.86 -15.63
CA TRP B 257 5.54 1.20 -14.80
C TRP B 257 6.61 2.00 -15.53
N GLU B 258 6.67 1.95 -16.85
CA GLU B 258 7.78 2.57 -17.59
C GLU B 258 7.54 4.07 -17.69
N THR B 259 8.14 4.82 -16.79
CA THR B 259 8.10 6.27 -16.75
C THR B 259 9.38 6.84 -17.31
N PRO B 260 9.41 8.14 -17.63
CA PRO B 260 10.58 8.71 -18.32
C PRO B 260 11.87 8.63 -17.53
N ASP B 261 11.80 8.54 -16.20
CA ASP B 261 13.01 8.41 -15.41
C ASP B 261 13.64 7.02 -15.53
N ILE B 262 12.94 6.04 -16.10
CA ILE B 262 13.53 4.73 -16.39
C ILE B 262 13.76 4.61 -17.89
N ALA B 263 12.71 4.80 -18.68
CA ALA B 263 12.66 4.50 -20.11
C ALA B 263 13.84 5.07 -20.89
N ALA C 15 20.81 7.19 29.21
CA ALA C 15 21.82 7.92 28.44
C ALA C 15 21.93 7.39 27.00
N ARG C 16 21.09 7.95 26.11
CA ARG C 16 21.19 7.72 24.68
C ARG C 16 22.16 8.70 23.99
N MET C 17 23.11 9.26 24.75
CA MET C 17 24.18 10.06 24.17
C MET C 17 24.88 9.30 23.04
N VAL C 18 25.22 10.02 21.98
CA VAL C 18 25.74 9.37 20.78
C VAL C 18 27.05 8.64 21.06
N ALA C 19 27.81 9.07 22.08
CA ALA C 19 29.02 8.35 22.46
C ALA C 19 28.71 6.96 23.01
N ASN C 20 27.49 6.75 23.52
CA ASN C 20 27.04 5.45 23.99
C ASN C 20 26.22 4.70 22.94
N CYS C 21 26.41 5.01 21.64
CA CYS C 21 25.65 4.36 20.57
CA CYS C 21 25.65 4.35 20.57
C CYS C 21 26.60 3.86 19.49
N PRO C 22 27.25 2.72 19.71
CA PRO C 22 28.14 2.18 18.67
C PRO C 22 27.36 1.79 17.42
N VAL C 23 27.93 2.12 16.26
CA VAL C 23 27.31 1.88 14.97
C VAL C 23 28.09 0.83 14.18
N LEU C 24 27.38 -0.06 13.51
CA LEU C 24 27.94 -0.95 12.49
C LEU C 24 27.28 -0.60 11.17
N VAL C 25 28.09 -0.21 10.18
CA VAL C 25 27.61 0.06 8.81
C VAL C 25 28.22 -1.00 7.89
N THR C 26 27.38 -1.83 7.28
CA THR C 26 27.88 -2.79 6.32
C THR C 26 28.14 -2.09 4.98
N GLY C 27 29.16 -2.56 4.27
CA GLY C 27 29.57 -1.88 3.04
C GLY C 27 29.85 -0.41 3.24
N GLY C 28 30.50 -0.05 4.34
CA GLY C 28 30.64 1.34 4.71
C GLY C 28 31.89 2.05 4.22
N ALA C 29 32.68 1.45 3.33
CA ALA C 29 33.93 2.07 2.90
C ALA C 29 33.81 2.90 1.63
N ARG C 30 32.64 2.93 0.98
CA ARG C 30 32.51 3.67 -0.26
C ARG C 30 31.11 4.28 -0.36
N ARG C 31 31.00 5.30 -1.20
CA ARG C 31 29.72 5.83 -1.73
CA ARG C 31 29.73 5.82 -1.73
C ARG C 31 28.77 6.09 -0.57
N ILE C 32 27.53 5.58 -0.61
CA ILE C 32 26.53 5.95 0.38
C ILE C 32 26.93 5.45 1.76
N GLY C 33 27.47 4.24 1.84
CA GLY C 33 27.91 3.72 3.12
C GLY C 33 28.97 4.59 3.76
N LYS C 34 29.95 5.01 2.96
CA LYS C 34 30.97 5.92 3.47
C LYS C 34 30.36 7.24 3.93
N ALA C 35 29.42 7.78 3.14
CA ALA C 35 28.77 9.03 3.53
C ALA C 35 28.06 8.89 4.87
N ILE C 36 27.42 7.74 5.10
CA ILE C 36 26.77 7.51 6.40
C ILE C 36 27.80 7.39 7.51
N VAL C 37 28.83 6.57 7.30
CA VAL C 37 29.90 6.42 8.28
C VAL C 37 30.47 7.77 8.69
N GLU C 38 30.81 8.59 7.70
CA GLU C 38 31.53 9.82 8.02
C GLU C 38 30.61 10.84 8.70
N ASP C 39 29.32 10.82 8.37
CA ASP C 39 28.39 11.70 9.08
C ASP C 39 28.26 11.28 10.54
N LEU C 40 28.08 9.98 10.79
CA LEU C 40 27.88 9.52 12.16
C LEU C 40 29.13 9.77 13.00
N ALA C 41 30.30 9.42 12.46
CA ALA C 41 31.54 9.65 13.21
C ALA C 41 31.75 11.14 13.46
N SER C 42 31.44 11.98 12.48
CA SER C 42 31.55 13.42 12.67
C SER C 42 30.60 13.92 13.76
N HIS C 43 29.54 13.16 14.07
CA HIS C 43 28.60 13.54 15.10
C HIS C 43 28.86 12.84 16.43
N GLY C 44 29.96 12.12 16.56
CA GLY C 44 30.33 11.56 17.84
C GLY C 44 29.95 10.13 18.08
N PHE C 45 29.39 9.43 17.08
CA PHE C 45 29.10 8.00 17.17
C PHE C 45 30.38 7.20 16.99
N PRO C 46 30.64 6.20 17.83
CA PRO C 46 31.68 5.21 17.47
C PRO C 46 31.16 4.40 16.31
N VAL C 47 32.02 4.13 15.32
CA VAL C 47 31.59 3.52 14.07
CA VAL C 47 31.59 3.52 14.08
C VAL C 47 32.48 2.33 13.73
N ALA C 48 31.85 1.21 13.41
CA ALA C 48 32.54 0.05 12.85
C ALA C 48 32.23 0.03 11.36
N ILE C 49 33.28 0.09 10.54
CA ILE C 49 33.17 0.13 9.09
C ILE C 49 33.32 -1.30 8.60
N HIS C 50 32.23 -1.91 8.15
CA HIS C 50 32.36 -3.22 7.54
C HIS C 50 32.71 -3.06 6.07
N CYS C 51 33.55 -3.96 5.57
CA CYS C 51 33.88 -3.98 4.17
C CYS C 51 34.27 -5.40 3.79
N ASN C 52 34.40 -5.61 2.49
CA ASN C 52 34.80 -6.89 1.97
C ASN C 52 36.01 -6.69 1.08
N ARG C 53 35.77 -6.21 -0.14
CA ARG C 53 36.87 -5.99 -1.06
C ARG C 53 37.58 -4.65 -0.84
N SER C 54 36.97 -3.73 -0.11
CA SER C 54 37.47 -2.35 0.02
C SER C 54 38.17 -2.12 1.35
N LEU C 55 39.08 -3.03 1.72
CA LEU C 55 39.72 -2.94 3.02
C LEU C 55 40.58 -1.67 3.13
N ASP C 56 41.39 -1.40 2.10
CA ASP C 56 42.25 -0.21 2.12
C ASP C 56 41.43 1.06 2.28
N GLU C 57 40.32 1.17 1.54
CA GLU C 57 39.45 2.33 1.68
C GLU C 57 38.91 2.45 3.09
N GLY C 58 38.43 1.33 3.66
CA GLY C 58 37.89 1.37 5.00
C GLY C 58 38.92 1.76 6.04
N GLU C 59 40.13 1.22 5.92
CA GLU C 59 41.17 1.55 6.90
C GLU C 59 41.54 3.02 6.82
N ALA C 60 41.53 3.58 5.61
CA ALA C 60 41.84 5.00 5.46
C ALA C 60 40.78 5.87 6.14
N ILE C 61 39.51 5.50 5.98
CA ILE C 61 38.44 6.24 6.65
C ILE C 61 38.61 6.16 8.16
N ALA C 62 38.78 4.95 8.69
CA ALA C 62 38.92 4.78 10.13
C ALA C 62 40.15 5.50 10.66
N ASN C 63 41.24 5.53 9.89
CA ASN C 63 42.43 6.25 10.31
C ASN C 63 42.16 7.73 10.42
N ARG C 64 41.47 8.29 9.42
CA ARG C 64 41.16 9.72 9.46
C ARG C 64 40.26 10.03 10.64
N ILE C 65 39.29 9.15 10.92
CA ILE C 65 38.39 9.38 12.06
C ILE C 65 39.15 9.31 13.37
N ASN C 66 40.03 8.31 13.54
CA ASN C 66 40.72 8.17 14.82
C ASN C 66 41.74 9.28 15.01
N ASP C 67 42.44 9.68 13.93
CA ASP C 67 43.38 10.79 14.03
C ASP C 67 42.68 12.11 14.31
N SER C 68 41.36 12.18 14.10
CA SER C 68 40.54 13.34 14.43
C SER C 68 39.93 13.26 15.82
N GLY C 69 40.30 12.26 16.61
CA GLY C 69 39.72 12.09 17.94
C GLY C 69 38.43 11.30 17.98
N GLY C 70 38.04 10.66 16.88
CA GLY C 70 36.90 9.80 16.86
C GLY C 70 37.24 8.38 17.26
N ASN C 71 36.24 7.51 17.18
CA ASN C 71 36.40 6.11 17.55
C ASN C 71 35.87 5.28 16.38
N ALA C 72 36.79 4.74 15.56
CA ALA C 72 36.40 3.97 14.39
C ALA C 72 37.24 2.71 14.29
N CYS C 73 36.67 1.69 13.63
CA CYS C 73 37.42 0.47 13.36
C CYS C 73 36.89 -0.11 12.06
N VAL C 74 37.60 -1.13 11.56
CA VAL C 74 37.26 -1.81 10.31
C VAL C 74 37.04 -3.28 10.61
N VAL C 75 35.95 -3.86 10.11
CA VAL C 75 35.71 -5.29 10.22
C VAL C 75 35.40 -5.83 8.84
N GLN C 76 35.80 -7.07 8.59
CA GLN C 76 35.67 -7.68 7.28
C GLN C 76 34.79 -8.91 7.33
N ALA C 77 33.95 -9.06 6.31
CA ALA C 77 33.14 -10.27 6.15
C ALA C 77 32.56 -10.29 4.75
N ASP C 78 32.52 -11.49 4.15
CA ASP C 78 31.74 -11.73 2.95
C ASP C 78 30.30 -12.02 3.37
N LEU C 79 29.41 -11.06 3.12
CA LEU C 79 28.02 -11.18 3.56
C LEU C 79 27.21 -12.19 2.74
N GLU C 80 27.79 -12.85 1.74
CA GLU C 80 27.12 -13.99 1.12
C GLU C 80 27.48 -15.31 1.80
N GLY C 81 28.42 -15.31 2.74
CA GLY C 81 28.75 -16.49 3.52
C GLY C 81 28.32 -16.38 4.97
N ASP C 82 29.13 -16.92 5.90
CA ASP C 82 28.79 -16.87 7.32
C ASP C 82 29.06 -15.48 7.87
N VAL C 83 28.04 -14.88 8.50
CA VAL C 83 28.16 -13.56 9.11
C VAL C 83 27.95 -13.60 10.62
N ARG C 84 27.93 -14.78 11.21
CA ARG C 84 27.50 -14.91 12.60
C ARG C 84 28.55 -14.44 13.60
N GLY C 85 29.76 -14.11 13.16
CA GLY C 85 30.75 -13.46 14.01
C GLY C 85 30.92 -11.96 13.80
N LEU C 86 30.22 -11.37 12.84
CA LEU C 86 30.51 -10.01 12.41
C LEU C 86 30.15 -8.98 13.49
N VAL C 87 28.97 -9.08 14.09
CA VAL C 87 28.61 -8.12 15.12
C VAL C 87 29.64 -8.16 16.25
N LYS C 88 30.10 -9.36 16.62
CA LYS C 88 31.05 -9.46 17.72
C LYS C 88 32.42 -8.88 17.34
N GLN C 89 32.86 -9.08 16.09
CA GLN C 89 34.07 -8.39 15.62
C GLN C 89 33.98 -6.90 15.91
N ALA C 90 32.82 -6.31 15.66
CA ALA C 90 32.62 -4.88 15.85
C ALA C 90 32.53 -4.53 17.33
N SER C 91 31.67 -5.23 18.08
CA SER C 91 31.49 -4.91 19.49
C SER C 91 32.76 -5.17 20.30
N ASP C 92 33.61 -6.10 19.87
CA ASP C 92 34.89 -6.27 20.54
C ASP C 92 35.75 -5.02 20.45
N ARG C 93 35.52 -4.16 19.45
CA ARG C 93 36.33 -2.97 19.22
C ARG C 93 35.70 -1.68 19.73
N ILE C 94 34.38 -1.52 19.61
CA ILE C 94 33.74 -0.26 19.98
C ILE C 94 32.61 -0.41 20.98
N GLY C 95 32.33 -1.62 21.47
CA GLY C 95 31.26 -1.81 22.42
C GLY C 95 30.01 -2.33 21.75
N PRO C 96 29.05 -2.79 22.54
CA PRO C 96 27.86 -3.44 21.97
C PRO C 96 27.18 -2.58 20.90
N ILE C 97 26.96 -3.18 19.74
CA ILE C 97 26.37 -2.42 18.63
C ILE C 97 24.95 -2.05 18.98
N ARG C 98 24.64 -0.77 18.81
CA ARG C 98 23.35 -0.21 19.17
C ARG C 98 22.58 0.29 17.95
N LEU C 99 23.27 0.53 16.86
CA LEU C 99 22.67 1.07 15.64
C LEU C 99 23.31 0.30 14.48
N LEU C 100 22.50 -0.46 13.76
CA LEU C 100 22.95 -1.27 12.63
C LEU C 100 22.41 -0.64 11.35
N VAL C 101 23.29 -0.34 10.40
CA VAL C 101 22.90 0.15 9.08
C VAL C 101 23.23 -0.96 8.08
N ASN C 102 22.20 -1.63 7.56
CA ASN C 102 22.35 -2.66 6.55
C ASN C 102 22.40 -1.98 5.18
N ASN C 103 23.59 -1.58 4.78
CA ASN C 103 23.80 -0.84 3.54
C ASN C 103 24.35 -1.70 2.42
N ALA C 104 25.10 -2.74 2.74
CA ALA C 104 25.75 -3.53 1.71
C ALA C 104 24.74 -4.06 0.71
N SER C 105 25.13 -4.11 -0.56
CA SER C 105 24.20 -4.49 -1.60
C SER C 105 24.95 -5.08 -2.78
N LEU C 106 24.30 -6.02 -3.45
CA LEU C 106 24.71 -6.55 -4.73
C LEU C 106 23.64 -6.16 -5.74
N PHE C 107 24.05 -5.63 -6.89
CA PHE C 107 23.11 -5.12 -7.90
C PHE C 107 23.50 -5.70 -9.26
N GLN C 108 22.95 -6.86 -9.62
CA GLN C 108 23.22 -7.47 -10.92
CA GLN C 108 23.22 -7.47 -10.92
C GLN C 108 21.91 -7.76 -11.63
N GLU C 109 21.87 -7.45 -12.92
CA GLU C 109 20.64 -7.60 -13.68
C GLU C 109 20.34 -9.06 -13.97
N ASP C 110 19.07 -9.42 -13.89
CA ASP C 110 18.55 -10.63 -14.51
C ASP C 110 17.08 -10.35 -14.83
N LYS C 111 16.46 -11.30 -15.52
CA LYS C 111 15.08 -11.12 -15.96
C LYS C 111 14.43 -12.49 -16.10
N VAL C 112 13.11 -12.52 -15.90
CA VAL C 112 12.33 -13.73 -16.16
C VAL C 112 12.60 -14.24 -17.56
N GLY C 113 12.82 -15.54 -17.69
CA GLY C 113 13.16 -16.18 -18.93
C GLY C 113 14.57 -16.72 -18.97
N ALA C 114 15.45 -16.17 -18.15
CA ALA C 114 16.83 -16.60 -18.09
C ALA C 114 17.36 -16.45 -16.66
N LEU C 115 16.55 -16.87 -15.69
CA LEU C 115 16.95 -16.69 -14.31
C LEU C 115 18.03 -17.69 -13.94
N ASP C 116 19.09 -17.20 -13.34
CA ASP C 116 20.15 -18.04 -12.79
C ASP C 116 19.99 -18.01 -11.28
N MET C 117 19.66 -19.17 -10.70
CA MET C 117 19.40 -19.22 -9.28
C MET C 117 20.63 -18.95 -8.42
N ALA C 118 21.84 -19.14 -8.95
CA ALA C 118 23.04 -18.77 -8.20
C ALA C 118 23.06 -17.28 -7.89
N LEU C 119 22.77 -16.44 -8.88
CA LEU C 119 22.73 -15.00 -8.63
C LEU C 119 21.55 -14.63 -7.74
N TRP C 120 20.40 -15.25 -7.98
CA TRP C 120 19.24 -15.08 -7.11
C TRP C 120 19.61 -15.29 -5.64
N ASP C 121 20.29 -16.41 -5.35
CA ASP C 121 20.71 -16.70 -3.98
C ASP C 121 21.61 -15.59 -3.44
N ARG C 122 22.53 -15.09 -4.26
CA ARG C 122 23.42 -14.03 -3.79
C ARG C 122 22.62 -12.77 -3.44
N HIS C 123 21.63 -12.42 -4.25
CA HIS C 123 20.81 -11.24 -3.95
C HIS C 123 20.08 -11.40 -2.62
N PHE C 124 19.48 -12.57 -2.39
CA PHE C 124 18.75 -12.78 -1.13
C PHE C 124 19.71 -12.93 0.05
N ALA C 125 20.91 -13.46 -0.17
CA ALA C 125 21.91 -13.53 0.89
C ALA C 125 22.25 -12.14 1.42
N VAL C 126 22.58 -11.21 0.52
CA VAL C 126 23.09 -9.92 0.95
C VAL C 126 21.95 -9.02 1.42
N HIS C 127 20.79 -9.09 0.76
CA HIS C 127 19.73 -8.14 1.04
C HIS C 127 18.74 -8.63 2.08
N LEU C 128 18.63 -9.94 2.31
CA LEU C 128 17.61 -10.43 3.24
C LEU C 128 18.20 -11.26 4.36
N LYS C 129 18.89 -12.36 4.05
CA LYS C 129 19.40 -13.22 5.12
C LYS C 129 20.34 -12.45 6.04
N THR C 130 21.32 -11.78 5.46
CA THR C 130 22.29 -11.08 6.28
C THR C 130 21.67 -9.95 7.10
N PRO C 131 20.86 -9.05 6.55
CA PRO C 131 20.24 -8.03 7.41
C PRO C 131 19.46 -8.61 8.58
N VAL C 132 18.76 -9.72 8.35
CA VAL C 132 17.95 -10.30 9.42
C VAL C 132 18.86 -10.93 10.48
N ILE C 133 19.88 -11.67 10.06
CA ILE C 133 20.79 -12.30 11.02
C ILE C 133 21.53 -11.24 11.84
N LEU C 134 22.05 -10.21 11.18
CA LEU C 134 22.77 -9.16 11.91
C LEU C 134 21.86 -8.45 12.89
N ALA C 135 20.61 -8.21 12.51
CA ALA C 135 19.67 -7.58 13.43
C ALA C 135 19.45 -8.44 14.67
N GLU C 136 19.26 -9.75 14.48
CA GLU C 136 19.10 -10.63 15.63
C GLU C 136 20.38 -10.68 16.46
N ASP C 137 21.54 -10.74 15.82
CA ASP C 137 22.79 -10.72 16.58
C ASP C 137 22.93 -9.42 17.34
N MET C 138 22.53 -8.31 16.73
CA MET C 138 22.55 -7.06 17.47
C MET C 138 21.65 -7.15 18.70
N ARG C 139 20.46 -7.72 18.54
CA ARG C 139 19.54 -7.80 19.68
C ARG C 139 20.12 -8.61 20.83
N LYS C 140 20.71 -9.77 20.52
CA LYS C 140 21.19 -10.69 21.54
CA LYS C 140 21.12 -10.64 21.60
C LYS C 140 22.33 -10.10 22.36
N ALA C 141 23.13 -9.25 21.74
CA ALA C 141 24.29 -8.69 22.43
C ALA C 141 24.03 -7.32 23.06
N LEU C 142 22.97 -6.63 22.68
CA LEU C 142 22.71 -5.30 23.20
C LEU C 142 22.07 -5.41 24.58
N PRO C 143 22.67 -4.86 25.64
CA PRO C 143 22.11 -5.01 26.98
C PRO C 143 20.67 -4.51 27.03
N GLU C 144 19.87 -5.20 27.85
CA GLU C 144 18.44 -4.95 27.90
C GLU C 144 18.09 -3.51 28.26
N ASP C 145 18.97 -2.80 28.97
CA ASP C 145 18.67 -1.44 29.37
C ASP C 145 19.03 -0.41 28.30
N GLN C 146 19.40 -0.86 27.11
CA GLN C 146 19.68 0.00 25.97
C GLN C 146 18.72 -0.33 24.84
N ASP C 147 18.07 0.71 24.29
CA ASP C 147 17.28 0.56 23.09
C ASP C 147 18.20 0.60 21.87
N GLY C 148 17.75 -0.04 20.78
CA GLY C 148 18.54 -0.12 19.56
C GLY C 148 17.76 0.32 18.33
N LEU C 149 18.49 0.45 17.22
CA LEU C 149 17.91 0.85 15.95
C LEU C 149 18.57 0.07 14.82
N VAL C 150 17.76 -0.49 13.92
CA VAL C 150 18.23 -1.03 12.66
C VAL C 150 17.72 -0.13 11.55
N VAL C 151 18.60 0.28 10.63
CA VAL C 151 18.22 1.01 9.42
C VAL C 151 18.62 0.18 8.22
N ASN C 152 17.63 -0.29 7.46
CA ASN C 152 17.88 -1.06 6.26
C ASN C 152 17.95 -0.12 5.06
N ILE C 153 18.97 -0.27 4.23
CA ILE C 153 19.06 0.52 3.01
C ILE C 153 18.48 -0.34 1.89
N ILE C 154 17.38 0.11 1.31
CA ILE C 154 16.65 -0.74 0.38
C ILE C 154 16.80 -0.10 -1.01
N ASP C 155 15.70 0.44 -1.56
CA ASP C 155 15.67 0.90 -2.94
C ASP C 155 14.31 1.49 -3.22
N GLN C 156 14.24 2.70 -3.80
CA GLN C 156 12.95 3.31 -4.10
C GLN C 156 12.03 2.37 -4.87
N ARG C 157 12.58 1.42 -5.62
CA ARG C 157 11.75 0.64 -6.54
C ARG C 157 10.79 -0.27 -5.81
N VAL C 158 11.01 -0.57 -4.53
CA VAL C 158 10.06 -1.42 -3.82
C VAL C 158 8.73 -0.70 -3.60
N TRP C 159 8.69 0.61 -3.80
CA TRP C 159 7.44 1.36 -3.75
C TRP C 159 6.87 1.65 -5.12
N LYS C 160 7.50 1.15 -6.20
CA LYS C 160 7.00 1.32 -7.54
C LYS C 160 7.48 0.10 -8.34
N LEU C 161 6.85 -1.04 -8.05
CA LEU C 161 7.31 -2.31 -8.60
C LEU C 161 7.34 -2.27 -10.13
N ASN C 162 8.40 -2.83 -10.70
CA ASN C 162 8.47 -3.02 -12.14
C ASN C 162 9.21 -4.33 -12.39
N PRO C 163 9.23 -4.87 -13.61
CA PRO C 163 9.80 -6.21 -13.80
C PRO C 163 11.29 -6.25 -14.12
N GLN C 164 11.97 -5.10 -14.12
CA GLN C 164 13.40 -5.10 -14.38
C GLN C 164 14.17 -5.58 -13.15
N PHE C 165 15.36 -6.11 -13.38
CA PHE C 165 16.24 -6.57 -12.30
C PHE C 165 15.46 -7.49 -11.36
N PHE C 166 15.09 -8.65 -11.91
CA PHE C 166 14.01 -9.43 -11.32
C PHE C 166 14.36 -9.93 -9.92
N SER C 167 15.47 -10.68 -9.79
CA SER C 167 15.75 -11.23 -8.46
C SER C 167 16.27 -10.17 -7.51
N TYR C 168 17.04 -9.21 -8.02
CA TYR C 168 17.42 -8.06 -7.19
C TYR C 168 16.19 -7.40 -6.58
N THR C 169 15.19 -7.12 -7.41
CA THR C 169 13.98 -6.46 -6.93
C THR C 169 13.27 -7.30 -5.86
N LEU C 170 13.09 -8.60 -6.12
CA LEU C 170 12.40 -9.42 -5.12
C LEU C 170 13.16 -9.41 -3.81
N SER C 171 14.49 -9.47 -3.86
CA SER C 171 15.26 -9.48 -2.62
C SER C 171 15.15 -8.15 -1.88
N LYS C 172 15.11 -7.03 -2.60
CA LYS C 172 14.95 -5.74 -1.92
C LYS C 172 13.54 -5.58 -1.38
N SER C 173 12.53 -6.04 -2.13
CA SER C 173 11.15 -6.02 -1.63
C SER C 173 11.02 -6.85 -0.37
N ALA C 174 11.75 -7.97 -0.30
CA ALA C 174 11.73 -8.80 0.90
C ALA C 174 12.33 -8.06 2.10
N LEU C 175 13.39 -7.30 1.85
CA LEU C 175 13.97 -6.50 2.91
C LEU C 175 12.97 -5.47 3.44
N TRP C 176 12.18 -4.88 2.53
CA TRP C 176 11.15 -3.95 2.98
C TRP C 176 10.07 -4.68 3.76
N ASN C 177 9.66 -5.86 3.31
CA ASN C 177 8.72 -6.66 4.09
C ASN C 177 9.30 -6.99 5.46
N ALA C 178 10.56 -7.42 5.50
CA ALA C 178 11.19 -7.74 6.77
C ALA C 178 11.36 -6.51 7.65
N THR C 179 11.40 -5.32 7.06
CA THR C 179 11.46 -4.11 7.89
C THR C 179 10.23 -4.01 8.77
N ARG C 180 9.07 -4.38 8.23
CA ARG C 180 7.84 -4.35 9.02
C ARG C 180 7.79 -5.49 10.04
N THR C 181 8.07 -6.72 9.59
CA THR C 181 7.90 -7.82 10.53
C THR C 181 9.03 -7.87 11.55
N LEU C 182 10.24 -7.42 11.18
CA LEU C 182 11.30 -7.24 12.19
C LEU C 182 10.91 -6.18 13.20
N ALA C 183 10.34 -5.06 12.73
CA ALA C 183 9.92 -4.04 13.67
C ALA C 183 8.88 -4.59 14.63
N GLN C 184 7.94 -5.41 14.13
CA GLN C 184 6.96 -6.00 15.02
C GLN C 184 7.61 -6.99 15.98
N ALA C 185 8.59 -7.76 15.51
CA ALA C 185 9.22 -8.78 16.35
C ALA C 185 10.13 -8.16 17.41
N LEU C 186 10.86 -7.11 17.05
CA LEU C 186 11.88 -6.57 17.94
C LEU C 186 11.37 -5.46 18.84
N ALA C 187 10.15 -4.98 18.63
CA ALA C 187 9.55 -4.01 19.53
C ALA C 187 9.39 -4.64 20.92
N PRO C 188 9.44 -3.83 21.99
CA PRO C 188 9.60 -2.38 21.99
C PRO C 188 11.04 -1.91 22.02
N ARG C 189 11.99 -2.80 22.30
CA ARG C 189 13.34 -2.33 22.60
C ARG C 189 14.13 -1.92 21.37
N ILE C 190 13.93 -2.59 20.23
CA ILE C 190 14.68 -2.28 19.03
C ILE C 190 13.71 -1.86 17.94
N ARG C 191 13.98 -0.70 17.33
CA ARG C 191 13.22 -0.18 16.21
C ARG C 191 13.93 -0.51 14.90
N VAL C 192 13.12 -0.70 13.84
CA VAL C 192 13.65 -1.11 12.55
C VAL C 192 13.04 -0.22 11.49
N ASN C 193 13.88 0.58 10.83
CA ASN C 193 13.42 1.52 9.81
C ASN C 193 14.26 1.33 8.55
N ALA C 194 14.00 2.15 7.54
CA ALA C 194 14.61 1.90 6.24
C ALA C 194 14.78 3.22 5.49
N ILE C 195 15.73 3.21 4.55
CA ILE C 195 15.93 4.28 3.59
C ILE C 195 15.84 3.66 2.22
N ALA C 196 15.07 4.30 1.33
CA ALA C 196 14.91 3.80 -0.04
C ALA C 196 15.59 4.78 -0.99
N PRO C 197 16.86 4.56 -1.36
CA PRO C 197 17.54 5.54 -2.22
C PRO C 197 16.98 5.53 -3.64
N GLY C 198 16.97 6.72 -4.23
CA GLY C 198 16.84 6.86 -5.66
C GLY C 198 18.21 7.05 -6.28
N PRO C 199 18.27 7.57 -7.50
CA PRO C 199 19.57 7.75 -8.16
CA PRO C 199 19.57 7.76 -8.17
C PRO C 199 20.43 8.76 -7.42
N THR C 200 21.49 8.28 -6.81
CA THR C 200 22.35 9.10 -5.97
C THR C 200 23.69 9.38 -6.61
N LEU C 201 24.26 8.37 -7.26
CA LEU C 201 25.51 8.48 -7.98
C LEU C 201 25.34 7.76 -9.31
N PRO C 202 25.98 8.25 -10.38
CA PRO C 202 25.88 7.56 -11.67
C PRO C 202 26.34 6.11 -11.57
N SER C 203 25.73 5.27 -12.41
CA SER C 203 25.96 3.84 -12.44
C SER C 203 27.08 3.49 -13.41
N GLU C 204 27.30 2.19 -13.59
CA GLU C 204 28.19 1.72 -14.64
C GLU C 204 27.56 1.96 -16.00
N ARG C 205 28.38 2.38 -16.97
CA ARG C 205 27.94 2.79 -18.30
C ARG C 205 27.06 4.04 -18.27
N GLN C 206 27.13 4.81 -17.19
CA GLN C 206 26.40 6.08 -17.09
C GLN C 206 27.41 7.21 -16.97
N ARG C 207 27.63 7.92 -18.08
CA ARG C 207 28.39 9.15 -18.03
C ARG C 207 27.62 10.20 -17.21
N PRO C 208 28.32 11.19 -16.64
CA PRO C 208 27.61 12.21 -15.84
C PRO C 208 26.48 12.88 -16.59
N GLU C 209 26.63 13.03 -17.92
CA GLU C 209 25.53 13.56 -18.72
C GLU C 209 24.30 12.67 -18.64
N ASP C 210 24.50 11.36 -18.68
CA ASP C 210 23.38 10.42 -18.64
C ASP C 210 22.67 10.46 -17.29
N PHE C 211 23.46 10.44 -16.21
CA PHE C 211 22.90 10.56 -14.88
C PHE C 211 22.10 11.85 -14.73
N GLU C 212 22.60 12.93 -15.32
CA GLU C 212 21.89 14.20 -15.21
C GLU C 212 20.58 14.18 -16.00
N ARG C 213 20.57 13.51 -17.16
CA ARG C 213 19.35 13.41 -17.94
C ARG C 213 18.29 12.61 -17.21
N GLN C 214 18.69 11.53 -16.52
CA GLN C 214 17.74 10.75 -15.73
C GLN C 214 17.22 11.54 -14.53
N VAL C 215 18.13 12.25 -13.83
CA VAL C 215 17.74 13.07 -12.69
C VAL C 215 16.72 14.12 -13.12
N SER C 216 16.91 14.73 -14.29
CA SER C 216 16.00 15.78 -14.74
C SER C 216 14.60 15.25 -14.99
N LYS C 217 14.43 13.94 -15.14
CA LYS C 217 13.12 13.34 -15.35
C LYS C 217 12.46 12.88 -14.04
N LEU C 218 13.16 13.01 -12.92
CA LEU C 218 12.54 12.76 -11.63
C LEU C 218 11.55 13.89 -11.30
N PRO C 219 10.48 13.58 -10.56
CA PRO C 219 9.51 14.64 -10.22
C PRO C 219 10.14 15.87 -9.59
N LEU C 220 11.06 15.70 -8.64
CA LEU C 220 11.74 16.85 -8.04
C LEU C 220 12.92 17.33 -8.86
N GLN C 221 13.28 16.62 -9.94
CA GLN C 221 14.36 17.02 -10.85
C GLN C 221 15.68 17.23 -10.12
N ARG C 222 15.90 16.48 -9.04
CA ARG C 222 17.14 16.59 -8.29
C ARG C 222 17.41 15.25 -7.64
N ALA C 223 18.65 14.89 -7.55
CA ALA C 223 19.03 13.65 -6.90
C ALA C 223 19.18 13.87 -5.39
N PRO C 224 18.97 12.83 -4.59
CA PRO C 224 19.36 12.93 -3.17
C PRO C 224 20.84 13.24 -3.09
N GLU C 225 21.20 14.11 -2.17
CA GLU C 225 22.60 14.39 -1.92
C GLU C 225 23.10 13.52 -0.77
N LEU C 226 24.37 13.16 -0.82
CA LEU C 226 24.92 12.25 0.19
C LEU C 226 24.65 12.69 1.63
N PRO C 227 24.71 13.97 2.01
CA PRO C 227 24.44 14.32 3.42
C PRO C 227 23.06 13.91 3.90
N GLU C 228 22.10 13.72 3.00
CA GLU C 228 20.75 13.37 3.40
C GLU C 228 20.69 11.99 4.05
N PHE C 229 21.62 11.11 3.71
CA PHE C 229 21.58 9.75 4.23
C PHE C 229 21.94 9.71 5.71
N GLY C 230 23.06 10.32 6.08
CA GLY C 230 23.38 10.43 7.50
C GLY C 230 22.33 11.20 8.29
N ARG C 231 21.83 12.31 7.72
CA ARG C 231 20.78 13.05 8.42
C ARG C 231 19.58 12.16 8.67
N THR C 232 19.26 11.27 7.73
CA THR C 232 18.10 10.40 7.89
C THR C 232 18.35 9.35 8.95
N VAL C 233 19.55 8.75 8.96
CA VAL C 233 19.89 7.79 10.01
C VAL C 233 19.79 8.46 11.38
N ARG C 234 20.34 9.65 11.52
CA ARG C 234 20.28 10.32 12.81
C ARG C 234 18.86 10.74 13.14
N TYR C 235 18.07 11.10 12.13
CA TYR C 235 16.65 11.41 12.37
C TYR C 235 15.95 10.21 12.99
N PHE C 236 16.14 9.03 12.41
CA PHE C 236 15.54 7.82 12.99
C PHE C 236 16.06 7.58 14.41
N TRP C 237 17.33 7.89 14.65
CA TRP C 237 17.88 7.62 15.98
C TRP C 237 17.26 8.53 17.02
N GLU C 238 17.04 9.81 16.68
CA GLU C 238 16.64 10.78 17.68
CA GLU C 238 16.64 10.80 17.66
C GLU C 238 15.14 10.79 17.95
N ASN C 239 14.34 10.18 17.10
CA ASN C 239 12.89 10.26 17.26
C ASN C 239 12.33 8.87 17.53
N ARG C 240 12.11 8.60 18.80
CA ARG C 240 11.98 7.23 19.29
C ARG C 240 10.61 6.61 19.04
N SER C 241 9.67 7.36 18.48
CA SER C 241 8.34 6.82 18.22
C SER C 241 8.22 6.18 16.84
N ILE C 242 9.30 6.15 16.06
CA ILE C 242 9.27 5.67 14.68
C ILE C 242 9.82 4.25 14.62
N THR C 243 9.01 3.32 14.15
CA THR C 243 9.51 2.00 13.81
C THR C 243 8.73 1.47 12.61
N GLY C 244 9.37 0.57 11.86
CA GLY C 244 8.71 -0.11 10.75
C GLY C 244 8.51 0.73 9.50
N GLN C 245 9.26 1.82 9.35
CA GLN C 245 8.96 2.81 8.32
C GLN C 245 10.18 3.12 7.48
N MET C 246 9.93 3.77 6.34
CA MET C 246 10.94 4.00 5.33
C MET C 246 10.78 5.40 4.78
N ILE C 247 11.92 6.02 4.47
CA ILE C 247 11.96 7.29 3.76
C ILE C 247 12.65 7.02 2.43
N ALA C 248 12.04 7.48 1.34
CA ALA C 248 12.63 7.33 0.02
C ALA C 248 13.37 8.62 -0.27
N LEU C 249 14.70 8.55 -0.24
CA LEU C 249 15.51 9.71 -0.62
C LEU C 249 15.75 9.57 -2.12
N ASP C 250 14.73 9.98 -2.91
CA ASP C 250 14.73 9.55 -4.31
C ASP C 250 14.28 10.63 -5.29
N GLY C 251 14.17 11.89 -4.88
CA GLY C 251 13.70 12.91 -5.80
C GLY C 251 12.31 12.67 -6.32
N GLY C 252 11.50 11.89 -5.60
CA GLY C 252 10.17 11.54 -6.02
C GLY C 252 10.08 10.39 -6.99
N GLN C 253 11.17 9.66 -7.23
CA GLN C 253 11.17 8.64 -8.28
C GLN C 253 10.03 7.62 -8.11
N HIS C 254 9.74 7.20 -6.86
CA HIS C 254 8.72 6.19 -6.68
C HIS C 254 7.32 6.73 -6.98
N LEU C 255 7.18 8.04 -7.12
CA LEU C 255 5.92 8.70 -7.44
C LEU C 255 5.79 9.04 -8.90
N ALA C 256 6.78 8.70 -9.73
CA ALA C 256 6.65 8.92 -11.16
C ALA C 256 5.38 8.23 -11.68
N TRP C 257 4.68 8.91 -12.57
CA TRP C 257 3.36 8.45 -12.98
C TRP C 257 3.10 8.55 -14.48
N GLU C 258 3.95 9.24 -15.26
CA GLU C 258 3.69 9.47 -16.68
C GLU C 258 4.09 8.22 -17.47
N THR C 259 3.25 7.19 -17.35
CA THR C 259 3.45 5.92 -18.05
C THR C 259 2.85 6.00 -19.45
N PRO C 260 3.24 5.09 -20.35
CA PRO C 260 2.83 5.26 -21.77
C PRO C 260 1.33 5.27 -21.96
N ASP C 261 0.57 4.64 -21.07
CA ASP C 261 -0.88 4.57 -21.25
C ASP C 261 -1.56 5.92 -21.07
N ILE C 262 -0.86 6.90 -20.49
CA ILE C 262 -1.47 8.21 -20.25
C ILE C 262 -0.67 9.35 -20.84
N ALA C 263 0.41 9.09 -21.56
CA ALA C 263 1.17 10.16 -22.20
C ALA C 263 0.50 10.55 -23.52
N VAL D 18 -12.02 -24.96 -22.79
CA VAL D 18 -11.56 -25.56 -21.53
C VAL D 18 -10.65 -26.75 -21.82
N ALA D 19 -11.06 -27.63 -22.74
CA ALA D 19 -10.19 -28.72 -23.19
C ALA D 19 -8.99 -28.20 -23.97
N ASN D 20 -9.06 -26.93 -24.37
CA ASN D 20 -7.94 -26.21 -24.96
C ASN D 20 -7.02 -25.63 -23.91
N CYS D 21 -7.27 -25.86 -22.61
CA CYS D 21 -6.51 -25.21 -21.54
C CYS D 21 -5.97 -26.23 -20.54
N PRO D 22 -4.82 -26.85 -20.84
CA PRO D 22 -4.24 -27.81 -19.88
C PRO D 22 -3.75 -27.13 -18.61
N VAL D 23 -4.00 -27.79 -17.47
CA VAL D 23 -3.71 -27.24 -16.15
C VAL D 23 -2.63 -28.06 -15.45
N LEU D 24 -1.70 -27.39 -14.78
CA LEU D 24 -0.82 -28.02 -13.80
C LEU D 24 -1.12 -27.43 -12.43
N VAL D 25 -1.48 -28.29 -11.47
CA VAL D 25 -1.69 -27.88 -10.09
C VAL D 25 -0.63 -28.56 -9.21
N THR D 26 0.21 -27.75 -8.57
CA THR D 26 1.20 -28.34 -7.66
C THR D 26 0.54 -28.65 -6.33
N GLY D 27 1.01 -29.74 -5.70
CA GLY D 27 0.36 -30.23 -4.50
C GLY D 27 -1.13 -30.43 -4.69
N GLY D 28 -1.53 -31.02 -5.81
CA GLY D 28 -2.92 -31.12 -6.21
C GLY D 28 -3.66 -32.33 -5.69
N ALA D 29 -3.05 -33.14 -4.81
CA ALA D 29 -3.65 -34.41 -4.43
C ALA D 29 -4.45 -34.36 -3.14
N ARG D 30 -4.42 -33.25 -2.39
CA ARG D 30 -5.16 -33.17 -1.14
C ARG D 30 -5.74 -31.77 -0.98
N ARG D 31 -6.77 -31.67 -0.15
CA ARG D 31 -7.23 -30.41 0.45
C ARG D 31 -7.52 -29.40 -0.65
N ILE D 32 -6.94 -28.19 -0.60
CA ILE D 32 -7.32 -27.11 -1.51
C ILE D 32 -6.92 -27.44 -2.95
N GLY D 33 -5.70 -27.94 -3.15
CA GLY D 33 -5.28 -28.31 -4.50
C GLY D 33 -6.20 -29.36 -5.12
N LYS D 34 -6.57 -30.37 -4.33
CA LYS D 34 -7.50 -31.37 -4.82
C LYS D 34 -8.83 -30.75 -5.21
N ALA D 35 -9.33 -29.82 -4.39
CA ALA D 35 -10.60 -29.18 -4.69
C ALA D 35 -10.52 -28.38 -5.99
N ILE D 36 -9.38 -27.71 -6.22
CA ILE D 36 -9.17 -27.01 -7.48
C ILE D 36 -9.10 -28.00 -8.64
N VAL D 37 -8.32 -29.07 -8.48
CA VAL D 37 -8.21 -30.08 -9.54
C VAL D 37 -9.57 -30.61 -9.95
N GLU D 38 -10.37 -31.02 -8.97
CA GLU D 38 -11.62 -31.69 -9.30
C GLU D 38 -12.64 -30.71 -9.88
N ASP D 39 -12.65 -29.47 -9.41
CA ASP D 39 -13.47 -28.46 -10.05
C ASP D 39 -13.09 -28.30 -11.52
N LEU D 40 -11.81 -28.02 -11.79
CA LEU D 40 -11.39 -27.76 -13.17
C LEU D 40 -11.65 -28.96 -14.06
N ALA D 41 -11.40 -30.17 -13.54
CA ALA D 41 -11.64 -31.38 -14.33
C ALA D 41 -13.11 -31.53 -14.71
N SER D 42 -14.02 -31.25 -13.77
CA SER D 42 -15.43 -31.36 -14.10
CA SER D 42 -15.44 -31.35 -14.08
C SER D 42 -15.86 -30.34 -15.14
N HIS D 43 -15.08 -29.28 -15.34
CA HIS D 43 -15.39 -28.25 -16.31
C HIS D 43 -14.66 -28.45 -17.63
N GLY D 44 -13.97 -29.57 -17.78
CA GLY D 44 -13.36 -29.89 -19.05
C GLY D 44 -11.89 -29.53 -19.20
N PHE D 45 -11.26 -28.97 -18.18
CA PHE D 45 -9.82 -28.70 -18.24
C PHE D 45 -9.04 -30.00 -18.12
N PRO D 46 -8.14 -30.31 -19.05
CA PRO D 46 -7.14 -31.36 -18.76
C PRO D 46 -6.31 -30.92 -17.57
N VAL D 47 -6.01 -31.86 -16.65
CA VAL D 47 -5.33 -31.53 -15.41
CA VAL D 47 -5.31 -31.50 -15.42
C VAL D 47 -4.13 -32.44 -15.21
N ALA D 48 -2.98 -31.87 -14.86
CA ALA D 48 -1.85 -32.63 -14.37
C ALA D 48 -1.78 -32.40 -12.86
N ILE D 49 -1.88 -33.49 -12.10
CA ILE D 49 -1.88 -33.44 -10.64
C ILE D 49 -0.45 -33.64 -10.18
N HIS D 50 0.21 -32.57 -9.74
CA HIS D 50 1.52 -32.76 -9.17
C HIS D 50 1.40 -33.17 -7.70
N CYS D 51 2.32 -34.01 -7.26
CA CYS D 51 2.39 -34.37 -5.86
C CYS D 51 3.80 -34.86 -5.53
N ASN D 52 4.01 -35.15 -4.25
CA ASN D 52 5.28 -35.63 -3.77
C ASN D 52 5.05 -36.88 -2.93
N ARG D 53 4.51 -36.70 -1.73
CA ARG D 53 4.22 -37.81 -0.85
C ARG D 53 2.85 -38.43 -1.09
N SER D 54 1.90 -37.66 -1.62
CA SER D 54 0.52 -38.13 -1.79
C SER D 54 0.29 -38.77 -3.15
N LEU D 55 1.17 -39.68 -3.53
CA LEU D 55 1.11 -40.25 -4.88
C LEU D 55 -0.14 -41.11 -5.08
N ASP D 56 -0.46 -41.96 -4.10
CA ASP D 56 -1.63 -42.82 -4.24
C ASP D 56 -2.91 -42.01 -4.34
N GLU D 57 -3.01 -40.92 -3.56
CA GLU D 57 -4.18 -40.05 -3.62
C GLU D 57 -4.27 -39.38 -4.99
N GLY D 58 -3.14 -38.93 -5.52
CA GLY D 58 -3.16 -38.32 -6.84
C GLY D 58 -3.59 -39.28 -7.93
N GLU D 59 -3.09 -40.52 -7.89
CA GLU D 59 -3.50 -41.50 -8.88
C GLU D 59 -4.99 -41.82 -8.76
N ALA D 60 -5.51 -41.84 -7.53
CA ALA D 60 -6.93 -42.13 -7.36
C ALA D 60 -7.79 -41.01 -7.95
N ILE D 61 -7.39 -39.76 -7.77
CA ILE D 61 -8.11 -38.63 -8.36
C ILE D 61 -8.03 -38.68 -9.88
N ALA D 62 -6.82 -38.92 -10.41
CA ALA D 62 -6.65 -39.01 -11.86
C ALA D 62 -7.49 -40.13 -12.46
N ASN D 63 -7.54 -41.29 -11.80
CA ASN D 63 -8.35 -42.40 -12.28
C ASN D 63 -9.83 -42.01 -12.40
N ARG D 64 -10.38 -41.39 -11.35
CA ARG D 64 -11.78 -40.98 -11.41
CA ARG D 64 -11.77 -40.94 -11.39
C ARG D 64 -12.02 -39.99 -12.54
N ILE D 65 -11.09 -39.06 -12.77
CA ILE D 65 -11.26 -38.07 -13.83
C ILE D 65 -11.23 -38.76 -15.19
N ASN D 66 -10.24 -39.63 -15.40
CA ASN D 66 -10.16 -40.32 -16.68
C ASN D 66 -11.35 -41.25 -16.90
N ASP D 67 -11.81 -41.94 -15.85
CA ASP D 67 -12.99 -42.80 -15.99
C ASP D 67 -14.22 -41.99 -16.39
N SER D 68 -14.32 -40.76 -15.89
CA SER D 68 -15.46 -39.90 -16.17
C SER D 68 -15.28 -39.10 -17.45
N GLY D 69 -14.30 -39.45 -18.28
CA GLY D 69 -14.16 -38.87 -19.61
C GLY D 69 -13.22 -37.68 -19.71
N GLY D 70 -12.59 -37.30 -18.61
CA GLY D 70 -11.62 -36.22 -18.63
C GLY D 70 -10.25 -36.66 -19.11
N ASN D 71 -9.26 -35.82 -18.80
CA ASN D 71 -7.89 -36.09 -19.18
C ASN D 71 -7.02 -35.64 -18.02
N ALA D 72 -6.57 -36.60 -17.22
CA ALA D 72 -5.76 -36.30 -16.04
C ALA D 72 -4.52 -37.17 -16.00
N CYS D 73 -3.47 -36.64 -15.41
CA CYS D 73 -2.26 -37.42 -15.17
C CYS D 73 -1.68 -36.99 -13.83
N VAL D 74 -0.75 -37.79 -13.32
CA VAL D 74 -0.05 -37.47 -12.08
C VAL D 74 1.41 -37.25 -12.42
N VAL D 75 1.99 -36.18 -11.90
CA VAL D 75 3.42 -35.94 -12.05
C VAL D 75 4.02 -35.76 -10.65
N GLN D 76 5.27 -36.19 -10.49
CA GLN D 76 5.91 -36.17 -9.19
C GLN D 76 7.16 -35.32 -9.24
N ALA D 77 7.38 -34.54 -8.18
CA ALA D 77 8.63 -33.80 -8.05
C ALA D 77 8.72 -33.27 -6.64
N ASP D 78 9.94 -33.22 -6.13
CA ASP D 78 10.20 -32.52 -4.88
C ASP D 78 10.44 -31.04 -5.22
N LEU D 79 9.50 -30.19 -4.84
CA LEU D 79 9.62 -28.78 -5.18
C LEU D 79 10.66 -28.03 -4.34
N GLU D 80 11.31 -28.68 -3.38
CA GLU D 80 12.46 -28.05 -2.76
C GLU D 80 13.73 -28.23 -3.57
N GLY D 81 13.72 -29.13 -4.57
CA GLY D 81 14.88 -29.38 -5.39
C GLY D 81 14.74 -28.86 -6.81
N ASP D 82 15.41 -29.50 -7.76
CA ASP D 82 15.34 -29.09 -9.16
C ASP D 82 13.97 -29.41 -9.74
N VAL D 83 13.27 -28.39 -10.25
CA VAL D 83 11.92 -28.57 -10.78
C VAL D 83 11.86 -28.31 -12.29
N ARG D 84 13.01 -28.24 -12.96
CA ARG D 84 13.01 -27.74 -14.33
C ARG D 84 12.44 -28.72 -15.35
N GLY D 85 12.19 -29.97 -14.97
CA GLY D 85 11.51 -30.86 -15.88
C GLY D 85 10.02 -31.01 -15.66
N LEU D 86 9.48 -30.36 -14.63
CA LEU D 86 8.13 -30.68 -14.17
C LEU D 86 7.06 -30.24 -15.18
N VAL D 87 7.18 -29.02 -15.69
CA VAL D 87 6.16 -28.56 -16.64
C VAL D 87 6.11 -29.47 -17.86
N LYS D 88 7.28 -29.93 -18.31
CA LYS D 88 7.29 -30.81 -19.48
C LYS D 88 6.77 -32.19 -19.14
N GLN D 89 6.95 -32.67 -17.90
CA GLN D 89 6.33 -33.93 -17.51
C GLN D 89 4.82 -33.86 -17.68
N ALA D 90 4.24 -32.70 -17.35
CA ALA D 90 2.80 -32.50 -17.48
C ALA D 90 2.40 -32.34 -18.94
N SER D 91 3.11 -31.45 -19.66
CA SER D 91 2.71 -31.17 -21.04
C SER D 91 2.89 -32.38 -21.94
N ASP D 92 3.80 -33.28 -21.59
CA ASP D 92 3.96 -34.50 -22.36
C ASP D 92 2.69 -35.35 -22.33
N ARG D 93 1.90 -35.21 -21.28
CA ARG D 93 0.72 -36.05 -21.12
C ARG D 93 -0.58 -35.35 -21.55
N ILE D 94 -0.72 -34.04 -21.30
CA ILE D 94 -1.98 -33.34 -21.53
C ILE D 94 -1.85 -32.12 -22.43
N GLY D 95 -0.66 -31.83 -22.96
CA GLY D 95 -0.51 -30.70 -23.85
C GLY D 95 0.09 -29.49 -23.16
N PRO D 96 0.55 -28.51 -23.92
CA PRO D 96 1.25 -27.36 -23.32
C PRO D 96 0.41 -26.70 -22.23
N ILE D 97 1.03 -26.45 -21.09
CA ILE D 97 0.31 -25.93 -19.94
C ILE D 97 -0.08 -24.48 -20.19
N ARG D 98 -1.38 -24.18 -20.07
CA ARG D 98 -1.87 -22.80 -20.17
C ARG D 98 -2.34 -22.25 -18.84
N LEU D 99 -2.51 -23.08 -17.83
CA LEU D 99 -2.97 -22.62 -16.52
C LEU D 99 -2.12 -23.32 -15.48
N LEU D 100 -1.33 -22.55 -14.75
CA LEU D 100 -0.47 -23.04 -13.69
C LEU D 100 -1.03 -22.58 -12.36
N VAL D 101 -1.27 -23.52 -11.45
CA VAL D 101 -1.71 -23.19 -10.09
C VAL D 101 -0.59 -23.55 -9.13
N ASN D 102 0.06 -22.54 -8.55
CA ASN D 102 1.15 -22.77 -7.61
C ASN D 102 0.54 -22.89 -6.22
N ASN D 103 0.09 -24.10 -5.91
CA ASN D 103 -0.62 -24.38 -4.66
C ASN D 103 0.26 -25.00 -3.57
N ALA D 104 1.29 -25.76 -3.93
CA ALA D 104 2.07 -26.50 -2.95
C ALA D 104 2.67 -25.57 -1.91
N SER D 105 2.80 -26.08 -0.69
CA SER D 105 3.23 -25.20 0.38
C SER D 105 3.84 -26.01 1.51
N LEU D 106 4.76 -25.36 2.22
CA LEU D 106 5.33 -25.83 3.47
C LEU D 106 4.99 -24.78 4.51
N PHE D 107 4.48 -25.22 5.67
CA PHE D 107 4.07 -24.27 6.71
C PHE D 107 4.62 -24.69 8.07
N GLN D 108 5.81 -24.20 8.41
CA GLN D 108 6.48 -24.52 9.67
CA GLN D 108 6.47 -24.51 9.66
C GLN D 108 6.77 -23.23 10.42
N GLU D 109 6.58 -23.28 11.74
CA GLU D 109 6.79 -22.12 12.58
C GLU D 109 8.28 -21.84 12.77
N ASP D 110 8.63 -20.56 12.72
CA ASP D 110 9.89 -20.08 13.28
C ASP D 110 9.70 -18.61 13.64
N LYS D 111 10.70 -18.02 14.28
CA LYS D 111 10.60 -16.63 14.69
C LYS D 111 11.99 -16.02 14.71
N VAL D 112 12.03 -14.69 14.64
CA VAL D 112 13.29 -13.98 14.88
C VAL D 112 13.83 -14.39 16.23
N GLY D 113 15.12 -14.71 16.29
CA GLY D 113 15.67 -15.17 17.54
C GLY D 113 15.55 -16.65 17.78
N ALA D 114 14.91 -17.38 16.87
CA ALA D 114 15.02 -18.83 16.78
C ALA D 114 14.94 -19.16 15.28
N LEU D 115 15.89 -18.61 14.52
CA LEU D 115 15.87 -18.74 13.08
C LEU D 115 16.75 -19.91 12.66
N ASP D 116 16.16 -20.84 11.92
CA ASP D 116 16.88 -21.94 11.31
C ASP D 116 16.88 -21.70 9.81
N MET D 117 18.09 -21.49 9.24
CA MET D 117 18.16 -21.10 7.85
C MET D 117 17.86 -22.26 6.90
N ALA D 118 18.02 -23.51 7.33
CA ALA D 118 17.60 -24.62 6.48
C ALA D 118 16.10 -24.57 6.23
N LEU D 119 15.32 -24.28 7.27
CA LEU D 119 13.88 -24.17 7.09
C LEU D 119 13.53 -22.96 6.25
N TRP D 120 14.20 -21.84 6.51
CA TRP D 120 14.05 -20.65 5.69
C TRP D 120 14.23 -20.99 4.21
N ASP D 121 15.30 -21.72 3.88
CA ASP D 121 15.54 -22.07 2.49
C ASP D 121 14.41 -22.89 1.91
N ARG D 122 13.85 -23.81 2.70
CA ARG D 122 12.76 -24.63 2.21
C ARG D 122 11.51 -23.81 1.92
N HIS D 123 11.15 -22.89 2.82
CA HIS D 123 10.00 -22.01 2.59
C HIS D 123 10.18 -21.22 1.29
N PHE D 124 11.36 -20.64 1.08
CA PHE D 124 11.59 -19.85 -0.12
C PHE D 124 11.67 -20.72 -1.37
N ALA D 125 12.13 -21.96 -1.23
CA ALA D 125 12.14 -22.85 -2.39
C ALA D 125 10.73 -23.16 -2.84
N VAL D 126 9.86 -23.54 -1.92
CA VAL D 126 8.54 -24.01 -2.32
C VAL D 126 7.64 -22.83 -2.72
N HIS D 127 7.78 -21.70 -2.03
CA HIS D 127 6.83 -20.60 -2.24
C HIS D 127 7.32 -19.56 -3.24
N LEU D 128 8.61 -19.50 -3.51
CA LEU D 128 9.08 -18.42 -4.38
C LEU D 128 9.87 -18.96 -5.57
N LYS D 129 10.94 -19.72 -5.30
CA LYS D 129 11.79 -20.18 -6.39
C LYS D 129 11.00 -21.08 -7.33
N THR D 130 10.33 -22.09 -6.78
CA THR D 130 9.60 -23.02 -7.63
C THR D 130 8.46 -22.34 -8.39
N PRO D 131 7.58 -21.56 -7.77
CA PRO D 131 6.55 -20.88 -8.56
C PRO D 131 7.11 -20.04 -9.69
N VAL D 132 8.23 -19.34 -9.47
CA VAL D 132 8.80 -18.51 -10.53
C VAL D 132 9.36 -19.38 -11.65
N ILE D 133 10.10 -20.43 -11.32
CA ILE D 133 10.70 -21.26 -12.36
C ILE D 133 9.62 -21.95 -13.18
N LEU D 134 8.58 -22.47 -12.52
CA LEU D 134 7.49 -23.11 -13.24
C LEU D 134 6.80 -22.13 -14.17
N ALA D 135 6.61 -20.89 -13.71
CA ALA D 135 6.06 -19.86 -14.58
C ALA D 135 6.99 -19.60 -15.77
N GLU D 136 8.30 -19.55 -15.50
CA GLU D 136 9.26 -19.34 -16.58
C GLU D 136 9.19 -20.47 -17.61
N ASP D 137 9.12 -21.73 -17.14
CA ASP D 137 9.00 -22.87 -18.05
C ASP D 137 7.69 -22.86 -18.82
N MET D 138 6.59 -22.57 -18.14
CA MET D 138 5.32 -22.39 -18.81
C MET D 138 5.42 -21.39 -19.95
N ARG D 139 6.02 -20.23 -19.67
CA ARG D 139 6.15 -19.20 -20.70
C ARG D 139 6.94 -19.69 -21.90
N LYS D 140 8.09 -20.37 -21.65
CA LYS D 140 8.92 -20.85 -22.74
C LYS D 140 8.21 -21.91 -23.58
N ALA D 141 7.31 -22.68 -22.98
CA ALA D 141 6.63 -23.76 -23.69
C ALA D 141 5.30 -23.35 -24.30
N LEU D 142 4.77 -22.19 -23.93
CA LEU D 142 3.44 -21.78 -24.32
C LEU D 142 3.38 -21.53 -25.83
N PRO D 143 2.46 -22.16 -26.56
CA PRO D 143 2.38 -21.90 -28.01
C PRO D 143 2.08 -20.44 -28.29
N GLU D 144 2.53 -19.99 -29.46
CA GLU D 144 2.44 -18.57 -29.80
C GLU D 144 0.99 -18.09 -29.88
N ASP D 145 0.08 -18.96 -30.32
CA ASP D 145 -1.31 -18.61 -30.53
C ASP D 145 -2.18 -18.85 -29.30
N GLN D 146 -1.58 -19.03 -28.13
CA GLN D 146 -2.33 -19.30 -26.91
C GLN D 146 -1.88 -18.40 -25.79
N ASP D 147 -2.83 -17.88 -25.02
CA ASP D 147 -2.50 -17.12 -23.83
C ASP D 147 -2.54 -18.05 -22.62
N GLY D 148 -2.03 -17.55 -21.49
CA GLY D 148 -1.90 -18.36 -20.30
C GLY D 148 -2.25 -17.60 -19.04
N LEU D 149 -2.31 -18.35 -17.94
CA LEU D 149 -2.67 -17.80 -16.63
C LEU D 149 -1.89 -18.56 -15.57
N VAL D 150 -1.28 -17.83 -14.65
CA VAL D 150 -0.69 -18.38 -13.44
C VAL D 150 -1.54 -17.91 -12.27
N VAL D 151 -1.92 -18.83 -11.38
CA VAL D 151 -2.58 -18.46 -10.14
C VAL D 151 -1.71 -18.96 -9.00
N ASN D 152 -1.15 -18.03 -8.23
CA ASN D 152 -0.36 -18.35 -7.06
C ASN D 152 -1.24 -18.43 -5.84
N ILE D 153 -1.13 -19.51 -5.08
CA ILE D 153 -1.88 -19.63 -3.83
C ILE D 153 -0.98 -19.13 -2.72
N ILE D 154 -1.38 -18.03 -2.09
CA ILE D 154 -0.50 -17.37 -1.14
C ILE D 154 -1.07 -17.57 0.26
N ASP D 155 -1.59 -16.51 0.89
CA ASP D 155 -1.99 -16.56 2.30
C ASP D 155 -2.51 -15.18 2.67
N GLN D 156 -3.67 -15.13 3.34
CA GLN D 156 -4.25 -13.85 3.73
C GLN D 156 -3.28 -12.98 4.52
N ARG D 157 -2.32 -13.60 5.21
CA ARG D 157 -1.47 -12.83 6.11
C ARG D 157 -0.57 -11.84 5.40
N VAL D 158 -0.34 -12.01 4.08
CA VAL D 158 0.52 -11.05 3.39
C VAL D 158 -0.14 -9.69 3.25
N TRP D 159 -1.45 -9.61 3.51
CA TRP D 159 -2.18 -8.35 3.52
C TRP D 159 -2.39 -7.80 4.92
N LYS D 160 -1.90 -8.51 5.94
CA LYS D 160 -1.99 -8.03 7.32
C LYS D 160 -0.75 -8.59 8.04
N LEU D 161 0.39 -7.96 7.78
CA LEU D 161 1.66 -8.49 8.23
C LEU D 161 1.74 -8.54 9.75
N ASN D 162 2.30 -9.64 10.25
CA ASN D 162 2.57 -9.78 11.68
C ASN D 162 3.86 -10.57 11.80
N PRO D 163 4.48 -10.61 12.98
CA PRO D 163 5.80 -11.24 13.11
C PRO D 163 5.80 -12.74 13.37
N GLN D 164 4.64 -13.40 13.34
CA GLN D 164 4.59 -14.84 13.54
C GLN D 164 4.99 -15.55 12.25
N PHE D 165 5.50 -16.77 12.41
CA PHE D 165 5.90 -17.58 11.26
C PHE D 165 6.80 -16.80 10.32
N PHE D 166 7.99 -16.46 10.85
CA PHE D 166 8.80 -15.40 10.24
C PHE D 166 9.23 -15.75 8.81
N SER D 167 9.96 -16.84 8.63
CA SER D 167 10.43 -17.12 7.28
C SER D 167 9.29 -17.57 6.36
N TYR D 168 8.31 -18.28 6.90
CA TYR D 168 7.13 -18.61 6.10
C TYR D 168 6.48 -17.36 5.56
N THR D 169 6.28 -16.36 6.44
CA THR D 169 5.61 -15.13 6.05
C THR D 169 6.44 -14.37 5.02
N LEU D 170 7.74 -14.26 5.25
CA LEU D 170 8.60 -13.60 4.27
C LEU D 170 8.48 -14.28 2.92
N SER D 171 8.46 -15.61 2.89
CA SER D 171 8.43 -16.31 1.61
C SER D 171 7.08 -16.15 0.91
N LYS D 172 5.98 -16.13 1.67
CA LYS D 172 4.67 -15.89 1.05
C LYS D 172 4.52 -14.45 0.61
N SER D 173 5.06 -13.50 1.38
CA SER D 173 5.05 -12.11 0.94
C SER D 173 5.82 -11.93 -0.36
N ALA D 174 6.92 -12.67 -0.51
CA ALA D 174 7.70 -12.58 -1.74
C ALA D 174 6.91 -13.13 -2.91
N LEU D 175 6.15 -14.20 -2.69
CA LEU D 175 5.29 -14.72 -3.74
C LEU D 175 4.27 -13.68 -4.18
N TRP D 176 3.74 -12.92 -3.22
CA TRP D 176 2.81 -11.84 -3.56
C TRP D 176 3.52 -10.74 -4.34
N ASN D 177 4.72 -10.35 -3.91
CA ASN D 177 5.50 -9.40 -4.70
C ASN D 177 5.73 -9.92 -6.12
N ALA D 178 6.12 -11.19 -6.24
CA ALA D 178 6.38 -11.78 -7.55
C ALA D 178 5.12 -11.85 -8.41
N THR D 179 3.96 -11.93 -7.78
CA THR D 179 2.73 -11.94 -8.57
C THR D 179 2.61 -10.66 -9.38
N ARG D 180 2.97 -9.52 -8.79
CA ARG D 180 2.97 -8.26 -9.53
C ARG D 180 4.07 -8.24 -10.58
N THR D 181 5.32 -8.55 -10.20
CA THR D 181 6.40 -8.37 -11.16
C THR D 181 6.37 -9.45 -12.25
N LEU D 182 5.91 -10.67 -11.93
CA LEU D 182 5.68 -11.65 -12.99
C LEU D 182 4.59 -11.17 -13.94
N ALA D 183 3.53 -10.59 -13.40
CA ALA D 183 2.46 -10.08 -14.26
C ALA D 183 3.00 -9.02 -15.20
N GLN D 184 3.86 -8.14 -14.69
CA GLN D 184 4.46 -7.14 -15.55
C GLN D 184 5.39 -7.80 -16.57
N ALA D 185 6.18 -8.78 -16.14
CA ALA D 185 7.15 -9.39 -17.04
C ALA D 185 6.47 -10.26 -18.09
N LEU D 186 5.38 -10.94 -17.74
CA LEU D 186 4.82 -11.94 -18.67
C LEU D 186 3.69 -11.38 -19.54
N ALA D 187 3.21 -10.17 -19.26
CA ALA D 187 2.23 -9.53 -20.13
C ALA D 187 2.80 -9.37 -21.54
N PRO D 188 1.95 -9.42 -22.59
CA PRO D 188 0.49 -9.58 -22.53
C PRO D 188 0.03 -11.04 -22.58
N ARG D 189 0.97 -11.95 -22.79
CA ARG D 189 0.66 -13.33 -23.14
C ARG D 189 0.18 -14.16 -21.97
N ILE D 190 0.69 -13.91 -20.77
CA ILE D 190 0.37 -14.68 -19.58
C ILE D 190 0.00 -13.71 -18.48
N ARG D 191 -1.15 -13.94 -17.86
CA ARG D 191 -1.61 -13.19 -16.72
C ARG D 191 -1.23 -13.94 -15.45
N VAL D 192 -0.94 -13.21 -14.39
CA VAL D 192 -0.45 -13.78 -13.14
C VAL D 192 -1.29 -13.19 -12.02
N ASN D 193 -2.12 -14.04 -11.40
CA ASN D 193 -2.97 -13.60 -10.30
C ASN D 193 -2.79 -14.49 -9.09
N ALA D 194 -3.61 -14.31 -8.05
CA ALA D 194 -3.33 -15.03 -6.82
C ALA D 194 -4.60 -15.18 -5.99
N ILE D 195 -4.58 -16.18 -5.12
CA ILE D 195 -5.60 -16.40 -4.10
C ILE D 195 -4.89 -16.39 -2.75
N ALA D 196 -5.44 -15.65 -1.79
CA ALA D 196 -4.90 -15.59 -0.44
C ALA D 196 -5.87 -16.29 0.49
N PRO D 197 -5.69 -17.58 0.77
CA PRO D 197 -6.65 -18.27 1.62
C PRO D 197 -6.56 -17.82 3.07
N GLY D 198 -7.71 -17.85 3.73
CA GLY D 198 -7.77 -17.81 5.17
C GLY D 198 -7.96 -19.22 5.71
N PRO D 199 -8.40 -19.35 6.97
CA PRO D 199 -8.55 -20.70 7.55
C PRO D 199 -9.62 -21.51 6.85
N THR D 200 -9.21 -22.47 6.04
CA THR D 200 -10.14 -23.32 5.32
C THR D 200 -10.34 -24.64 6.02
N LEU D 201 -9.24 -25.25 6.44
CA LEU D 201 -9.21 -26.53 7.14
C LEU D 201 -8.22 -26.44 8.29
N PRO D 202 -8.54 -27.04 9.44
CA PRO D 202 -7.69 -27.06 10.64
C PRO D 202 -6.26 -27.52 10.39
N PHE D 211 -10.05 -24.30 15.58
CA PHE D 211 -10.52 -23.83 14.29
C PHE D 211 -11.92 -23.24 14.39
N GLU D 212 -12.85 -24.00 14.97
CA GLU D 212 -14.25 -23.57 15.00
C GLU D 212 -14.42 -22.24 15.72
N ARG D 213 -13.68 -22.03 16.81
CA ARG D 213 -13.81 -20.78 17.55
C ARG D 213 -13.14 -19.63 16.82
N GLN D 214 -12.02 -19.91 16.15
CA GLN D 214 -11.32 -18.90 15.37
C GLN D 214 -12.22 -18.29 14.31
N VAL D 215 -13.01 -19.13 13.63
CA VAL D 215 -13.84 -18.65 12.53
C VAL D 215 -14.88 -17.65 13.02
N SER D 216 -15.47 -17.91 14.19
CA SER D 216 -16.43 -16.96 14.76
C SER D 216 -15.83 -15.58 14.98
N LYS D 217 -14.52 -15.49 15.09
CA LYS D 217 -13.85 -14.22 15.30
C LYS D 217 -13.44 -13.54 14.00
N LEU D 218 -13.63 -14.19 12.85
CA LEU D 218 -13.43 -13.52 11.58
C LEU D 218 -14.54 -12.49 11.37
N PRO D 219 -14.25 -11.40 10.64
CA PRO D 219 -15.29 -10.39 10.39
C PRO D 219 -16.56 -10.95 9.76
N LEU D 220 -16.43 -11.90 8.83
CA LEU D 220 -17.60 -12.53 8.25
C LEU D 220 -18.09 -13.73 9.07
N GLN D 221 -17.34 -14.12 10.11
CA GLN D 221 -17.73 -15.22 10.99
CA GLN D 221 -17.73 -15.22 10.99
C GLN D 221 -18.04 -16.50 10.20
N ARG D 222 -17.31 -16.71 9.12
CA ARG D 222 -17.48 -17.92 8.32
C ARG D 222 -16.17 -18.19 7.59
N ALA D 223 -15.86 -19.45 7.42
CA ALA D 223 -14.64 -19.80 6.72
C ALA D 223 -14.89 -19.88 5.22
N PRO D 224 -13.88 -19.60 4.42
CA PRO D 224 -13.96 -19.93 3.00
C PRO D 224 -14.29 -21.39 2.84
N GLU D 225 -15.10 -21.71 1.83
CA GLU D 225 -15.44 -23.09 1.54
C GLU D 225 -14.71 -23.56 0.29
N LEU D 226 -14.47 -24.87 0.22
CA LEU D 226 -13.63 -25.40 -0.85
C LEU D 226 -14.14 -25.05 -2.26
N PRO D 227 -15.44 -25.09 -2.55
CA PRO D 227 -15.88 -24.69 -3.91
C PRO D 227 -15.45 -23.31 -4.34
N GLU D 228 -15.15 -22.40 -3.40
CA GLU D 228 -14.78 -21.04 -3.79
C GLU D 228 -13.44 -20.99 -4.49
N PHE D 229 -12.55 -21.95 -4.23
CA PHE D 229 -11.21 -21.90 -4.81
C PHE D 229 -11.24 -22.18 -6.31
N GLY D 230 -11.89 -23.27 -6.72
CA GLY D 230 -12.04 -23.54 -8.14
C GLY D 230 -12.85 -22.48 -8.86
N ARG D 231 -13.89 -21.96 -8.21
CA ARG D 231 -14.65 -20.88 -8.82
C ARG D 231 -13.76 -19.67 -9.05
N THR D 232 -12.80 -19.43 -8.15
CA THR D 232 -11.92 -18.27 -8.31
C THR D 232 -10.91 -18.49 -9.41
N VAL D 233 -10.38 -19.71 -9.53
CA VAL D 233 -9.45 -19.97 -10.63
C VAL D 233 -10.15 -19.79 -11.97
N ARG D 234 -11.39 -20.31 -12.08
CA ARG D 234 -12.10 -20.15 -13.35
C ARG D 234 -12.50 -18.70 -13.58
N TYR D 235 -12.78 -17.96 -12.51
CA TYR D 235 -13.07 -16.53 -12.65
C TYR D 235 -11.87 -15.80 -13.26
N PHE D 236 -10.67 -16.07 -12.75
CA PHE D 236 -9.47 -15.47 -13.33
C PHE D 236 -9.29 -15.89 -14.78
N TRP D 237 -9.55 -17.16 -15.09
CA TRP D 237 -9.41 -17.63 -16.47
C TRP D 237 -10.38 -16.93 -17.42
N GLU D 238 -11.61 -16.69 -16.97
CA GLU D 238 -12.67 -16.26 -17.87
C GLU D 238 -12.70 -14.76 -18.09
N ASN D 239 -11.94 -14.00 -17.33
CA ASN D 239 -11.99 -12.54 -17.39
C ASN D 239 -10.60 -12.04 -17.69
N ARG D 240 -10.34 -11.86 -18.98
CA ARG D 240 -8.98 -11.72 -19.46
C ARG D 240 -8.37 -10.34 -19.21
N SER D 241 -9.11 -9.41 -18.61
CA SER D 241 -8.51 -8.12 -18.30
C SER D 241 -7.78 -8.08 -16.95
N ILE D 242 -7.76 -9.19 -16.23
CA ILE D 242 -7.24 -9.21 -14.86
C ILE D 242 -5.83 -9.80 -14.85
N THR D 243 -4.87 -9.03 -14.36
CA THR D 243 -3.55 -9.58 -14.08
C THR D 243 -2.95 -8.83 -12.88
N GLY D 244 -2.00 -9.48 -12.21
CA GLY D 244 -1.29 -8.93 -11.07
C GLY D 244 -2.09 -8.78 -9.80
N GLN D 245 -3.19 -9.50 -9.65
CA GLN D 245 -4.10 -9.22 -8.56
C GLN D 245 -4.40 -10.48 -7.76
N MET D 246 -4.97 -10.25 -6.57
CA MET D 246 -5.21 -11.31 -5.61
C MET D 246 -6.61 -11.18 -5.03
N ILE D 247 -7.25 -12.32 -4.77
CA ILE D 247 -8.48 -12.39 -3.99
C ILE D 247 -8.16 -13.16 -2.71
N ALA D 248 -8.52 -12.57 -1.57
CA ALA D 248 -8.41 -13.25 -0.28
C ALA D 248 -9.73 -13.98 -0.01
N LEU D 249 -9.71 -15.31 -0.09
CA LEU D 249 -10.85 -16.12 0.34
C LEU D 249 -10.63 -16.41 1.82
N ASP D 250 -10.98 -15.42 2.66
CA ASP D 250 -10.49 -15.47 4.03
C ASP D 250 -11.53 -15.05 5.06
N GLY D 251 -12.80 -14.89 4.67
CA GLY D 251 -13.78 -14.43 5.64
C GLY D 251 -13.47 -13.07 6.22
N GLY D 252 -12.67 -12.27 5.53
CA GLY D 252 -12.32 -10.95 6.02
C GLY D 252 -11.14 -10.91 6.97
N GLN D 253 -10.47 -12.05 7.18
CA GLN D 253 -9.40 -12.12 8.18
C GLN D 253 -8.37 -11.00 8.01
N HIS D 254 -7.97 -10.69 6.77
CA HIS D 254 -6.94 -9.68 6.60
C HIS D 254 -7.42 -8.28 6.96
N LEU D 255 -8.74 -8.10 7.13
CA LEU D 255 -9.33 -6.84 7.53
C LEU D 255 -9.59 -6.75 9.02
N ALA D 256 -9.22 -7.78 9.79
CA ALA D 256 -9.38 -7.72 11.23
C ALA D 256 -8.60 -6.53 11.77
N TRP D 257 -9.17 -5.87 12.77
CA TRP D 257 -8.65 -4.57 13.16
C TRP D 257 -8.66 -4.30 14.67
N GLU D 258 -9.37 -5.07 15.48
CA GLU D 258 -9.49 -4.78 16.91
C GLU D 258 -8.24 -5.30 17.63
N THR D 259 -7.20 -4.48 17.59
CA THR D 259 -5.91 -4.81 18.20
C THR D 259 -5.89 -4.32 19.64
N PRO D 260 -4.89 -4.73 20.43
CA PRO D 260 -4.91 -4.41 21.87
C PRO D 260 -5.01 -2.93 22.19
N ASP D 261 -4.52 -2.06 21.31
CA ASP D 261 -4.59 -0.61 21.51
C ASP D 261 -5.95 -0.03 21.17
N ILE D 262 -6.86 -0.83 20.60
CA ILE D 262 -8.19 -0.41 20.20
C ILE D 262 -9.24 -0.86 21.21
N ALA D 263 -9.12 -2.10 21.71
CA ALA D 263 -10.06 -2.66 22.69
C ALA D 263 -10.19 -1.80 23.95
#